data_4CTN
#
_entry.id   4CTN
#
_cell.length_a   127.760
_cell.length_b   127.760
_cell.length_c   116.040
_cell.angle_alpha   90.00
_cell.angle_beta   90.00
_cell.angle_gamma   90.00
#
_symmetry.space_group_name_H-M   'P 43 21 2'
#
loop_
_entity.id
_entity.type
_entity.pdbx_description
1 polymer 'GLYCOGEN PHOSPHORYLASE, MUSCLE FORM'
2 non-polymer 2,3-DIHYDROXY-1,4-DITHIOBUTANE
3 non-polymer 'DIMETHYL SULFOXIDE'
4 non-polymer N-[(2Z,5R,7R,8S,9S,10R)-8,9,10-trihydroxy-7-(hydroxymethyl)-4-oxo-6-oxa-1-thia-3-azaspiro[4.5]dec-2-ylidene]naphthalene-2-carboxamide
5 non-polymer "PYRIDOXAL-5'-PHOSPHATE"
6 water water
#
_entity_poly.entity_id   1
_entity_poly.type   'polypeptide(L)'
_entity_poly.pdbx_seq_one_letter_code
;MSRPLSDQEKRKQISVRGLAGVENVTELKKNFNRHLHFTLVKDRNVATPRDYYFALAHTVRDHLVGRWIRTQQHYYEKDP
KRIYYLSLEFYMGRTLQNTMVNLALENACDEATYQLGLDMEELEEIEEDAGLGNGGLGRLAACFLDSMATLGLAAYGYGI
RYEFGIFNQKICGGWQMEEADDWLRYGNPWEKARPEFTLPVHFYGRVEHTSQGAKWVDTQVVLAMPYDTPVPGYRNNVVN
TMRLWSAKAPNDFNLKDFNVGGYIQAVLDRNLAENISRVLYPNDNFFEGKELRLKQEYFVVAATLQDIIRRFKSSKFGCR
DPVRTNFDAFPDKVAIQLNDTHPSLAIPELMRVLVDLERLDWDKAWEVTVKTCAYTNHTVLPEALERWPVHLLETLLPRH
LQIIYEINQRFLNRVAAAFPGDVDRLRRMSLVEEGAVKRINMAHLCIAGSHAVNGVARIHSEILKKTIFKDFYELEPHKF
QNKTNGITPRRWLVLCNPGLAEIIAERIGEEYISDLDQLRKLLSYVDDEAFIRDVAKVKQENKLKFAAYLEREYKVHINP
NSLFDVQVKRIHEYKRQLLNCLHVITLYNRIKKEPNKFVVPRTVMIGGKAAPGYHMAKMIIKLITAIGDVVNHDPVVGDR
LRVIFLENYRVSLAEKVIPAADLSEQISTAGTEASGTGNMKFMLNGALTIGTMDGANVEMAEEAGEENFFIFGMRVEDVD
RLDQRGYNAQEYYDRIPELRQIIEQLSSGFFSPKQPDLFKDIVNMLMHHDRFKVFADYEEYVKCQERVSALYKNPREWTR
MVIRNIATSGKFSSDRTIAQYAREIWGVEPSRQRLPAPDEKIP
;
_entity_poly.pdbx_strand_id   A
#
loop_
_chem_comp.id
_chem_comp.type
_chem_comp.name
_chem_comp.formula
DMS non-polymer 'DIMETHYL SULFOXIDE' 'C2 H6 O S'
DTT non-polymer 2,3-DIHYDROXY-1,4-DITHIOBUTANE 'C4 H10 O2 S2'
M8P non-polymer N-[(2Z,5R,7R,8S,9S,10R)-8,9,10-trihydroxy-7-(hydroxymethyl)-4-oxo-6-oxa-1-thia-3-azaspiro[4.5]dec-2-ylidene]naphthalene-2-carboxamide 'C19 H18 N2 O7 S'
PLP non-polymer PYRIDOXAL-5'-PHOSPHATE 'C8 H10 N O6 P'
#
# COMPACT_ATOMS: atom_id res chain seq x y z
N GLN A 13 -27.63 -6.44 14.70
CA GLN A 13 -27.70 -5.16 15.47
C GLN A 13 -27.88 -3.91 14.57
N ILE A 14 -26.96 -3.69 13.63
CA ILE A 14 -26.98 -2.48 12.79
C ILE A 14 -27.25 -2.78 11.30
N SER A 15 -27.87 -1.81 10.62
CA SER A 15 -28.36 -1.95 9.25
C SER A 15 -27.33 -2.44 8.23
N VAL A 16 -26.23 -1.70 8.09
CA VAL A 16 -25.20 -1.98 7.06
C VAL A 16 -24.65 -3.42 7.08
N ARG A 17 -24.66 -4.06 8.23
CA ARG A 17 -24.15 -5.44 8.38
C ARG A 17 -25.04 -6.55 7.80
N GLY A 18 -26.16 -6.19 7.19
CA GLY A 18 -27.01 -7.16 6.48
C GLY A 18 -28.07 -7.85 7.34
N LEU A 19 -28.76 -8.82 6.75
CA LEU A 19 -29.86 -9.52 7.40
C LEU A 19 -29.39 -10.71 8.25
N ALA A 20 -30.06 -10.92 9.39
CA ALA A 20 -29.88 -12.12 10.19
C ALA A 20 -31.12 -13.01 10.05
N GLY A 21 -31.33 -13.54 8.85
CA GLY A 21 -32.46 -14.42 8.55
C GLY A 21 -32.38 -15.75 9.27
N VAL A 22 -33.51 -16.19 9.85
CA VAL A 22 -33.57 -17.39 10.69
C VAL A 22 -32.98 -18.64 10.03
N GLU A 23 -33.32 -18.85 8.76
CA GLU A 23 -32.85 -20.02 8.03
C GLU A 23 -31.35 -19.94 7.74
N ASN A 24 -30.85 -18.73 7.52
CA ASN A 24 -29.43 -18.52 7.30
C ASN A 24 -28.62 -18.71 8.57
N VAL A 25 -29.13 -18.20 9.69
CA VAL A 25 -28.46 -18.38 10.98
C VAL A 25 -28.39 -19.87 11.33
N THR A 26 -29.45 -20.60 11.01
CA THR A 26 -29.53 -22.02 11.30
C THR A 26 -28.51 -22.81 10.49
N GLU A 27 -28.43 -22.50 9.19
CA GLU A 27 -27.48 -23.14 8.29
C GLU A 27 -26.01 -22.85 8.65
N LEU A 28 -25.72 -21.59 8.96
CA LEU A 28 -24.39 -21.20 9.42
C LEU A 28 -23.98 -21.99 10.66
N LYS A 29 -24.89 -22.08 11.62
CA LYS A 29 -24.62 -22.79 12.87
C LYS A 29 -24.27 -24.27 12.63
N LYS A 30 -24.97 -24.91 11.71
CA LYS A 30 -24.76 -26.32 11.47
C LYS A 30 -23.52 -26.58 10.63
N ASN A 31 -23.21 -25.69 9.70
CA ASN A 31 -21.98 -25.81 8.91
C ASN A 31 -20.75 -25.51 9.77
N PHE A 32 -20.90 -24.61 10.72
CA PHE A 32 -19.86 -24.34 11.71
C PHE A 32 -19.54 -25.60 12.51
N ASN A 33 -20.56 -26.28 13.03
CA ASN A 33 -20.33 -27.52 13.78
C ASN A 33 -19.80 -28.65 12.89
N ARG A 34 -20.25 -28.69 11.64
CA ARG A 34 -19.74 -29.64 10.67
C ARG A 34 -18.22 -29.46 10.46
N HIS A 35 -17.79 -28.22 10.19
CA HIS A 35 -16.37 -27.93 10.01
C HIS A 35 -15.57 -28.21 11.27
N LEU A 36 -16.11 -27.86 12.44
CA LEU A 36 -15.39 -28.12 13.69
C LEU A 36 -15.09 -29.61 13.85
N HIS A 37 -16.02 -30.45 13.39
CA HIS A 37 -15.95 -31.89 13.56
C HIS A 37 -15.12 -32.50 12.43
N PHE A 38 -15.57 -32.32 11.18
CA PHE A 38 -14.97 -32.97 10.03
C PHE A 38 -13.71 -32.30 9.49
N THR A 39 -13.59 -30.98 9.64
CA THR A 39 -12.43 -30.27 9.08
C THR A 39 -11.34 -30.11 10.13
N LEU A 40 -11.72 -29.66 11.31
CA LEU A 40 -10.75 -29.43 12.37
C LEU A 40 -10.50 -30.66 13.23
N VAL A 41 -11.42 -31.63 13.21
CA VAL A 41 -11.29 -32.88 13.99
C VAL A 41 -11.13 -32.53 15.46
N LYS A 42 -12.08 -31.75 15.96
CA LYS A 42 -12.15 -31.38 17.37
C LYS A 42 -13.59 -31.58 17.86
N ASP A 43 -13.77 -31.67 19.18
CA ASP A 43 -15.08 -31.52 19.80
C ASP A 43 -15.08 -30.23 20.60
N ARG A 44 -16.25 -29.82 21.08
CA ARG A 44 -16.40 -28.53 21.76
C ARG A 44 -15.71 -28.49 23.12
N ASN A 45 -15.34 -29.65 23.66
CA ASN A 45 -14.69 -29.72 24.97
C ASN A 45 -13.18 -29.47 24.88
N VAL A 46 -12.61 -29.66 23.69
CA VAL A 46 -11.16 -29.45 23.49
C VAL A 46 -10.82 -28.26 22.58
N ALA A 47 -11.81 -27.73 21.87
CA ALA A 47 -11.59 -26.63 20.94
C ALA A 47 -11.14 -25.36 21.63
N THR A 48 -10.24 -24.63 20.99
CA THR A 48 -9.78 -23.32 21.47
C THR A 48 -10.38 -22.23 20.58
N PRO A 49 -10.22 -20.96 20.99
CA PRO A 49 -10.70 -19.87 20.12
C PRO A 49 -10.15 -19.95 18.70
N ARG A 50 -8.90 -20.40 18.55
CA ARG A 50 -8.32 -20.54 17.22
C ARG A 50 -9.09 -21.55 16.39
N ASP A 51 -9.50 -22.67 17.00
CA ASP A 51 -10.32 -23.65 16.29
C ASP A 51 -11.65 -23.05 15.86
N TYR A 52 -12.24 -22.23 16.73
CA TYR A 52 -13.50 -21.57 16.42
C TYR A 52 -13.32 -20.60 15.27
N TYR A 53 -12.23 -19.83 15.30
CA TYR A 53 -11.89 -18.96 14.17
C TYR A 53 -11.86 -19.73 12.86
N PHE A 54 -11.15 -20.87 12.84
CA PHE A 54 -11.03 -21.63 11.60
C PHE A 54 -12.34 -22.24 11.14
N ALA A 55 -13.18 -22.66 12.09
CA ALA A 55 -14.48 -23.22 11.72
C ALA A 55 -15.32 -22.16 11.06
N LEU A 56 -15.33 -20.97 11.64
CA LEU A 56 -16.04 -19.82 11.05
C LEU A 56 -15.46 -19.51 9.68
N ALA A 57 -14.13 -19.41 9.59
CA ALA A 57 -13.47 -19.14 8.30
C ALA A 57 -13.86 -20.13 7.22
N HIS A 58 -13.85 -21.42 7.56
CA HIS A 58 -14.28 -22.45 6.60
C HIS A 58 -15.77 -22.32 6.24
N THR A 59 -16.59 -21.96 7.22
CA THR A 59 -18.02 -21.79 6.97
C THR A 59 -18.26 -20.63 6.00
N VAL A 60 -17.64 -19.48 6.26
CA VAL A 60 -17.75 -18.34 5.36
C VAL A 60 -17.17 -18.67 3.98
N ARG A 61 -16.01 -19.31 3.96
CA ARG A 61 -15.35 -19.68 2.72
C ARG A 61 -16.25 -20.48 1.79
N ASP A 62 -17.03 -21.41 2.36
CA ASP A 62 -17.96 -22.21 1.55
C ASP A 62 -18.89 -21.36 0.68
N HIS A 63 -19.28 -20.19 1.16
CA HIS A 63 -20.18 -19.30 0.39
C HIS A 63 -19.53 -18.63 -0.82
N LEU A 64 -18.20 -18.58 -0.85
CA LEU A 64 -17.46 -18.02 -1.98
C LEU A 64 -17.41 -18.98 -3.16
N VAL A 65 -17.48 -20.27 -2.86
CA VAL A 65 -17.10 -21.29 -3.84
C VAL A 65 -17.95 -21.26 -5.09
N GLY A 66 -19.27 -21.26 -4.91
CA GLY A 66 -20.19 -21.29 -6.06
C GLY A 66 -19.99 -20.07 -6.92
N ARG A 67 -19.91 -18.93 -6.26
CA ARG A 67 -19.72 -17.63 -6.94
C ARG A 67 -18.38 -17.57 -7.68
N TRP A 68 -17.33 -18.10 -7.05
CA TRP A 68 -16.00 -18.14 -7.64
C TRP A 68 -15.99 -18.98 -8.91
N ILE A 69 -16.54 -20.19 -8.83
CA ILE A 69 -16.65 -21.06 -10.00
C ILE A 69 -17.54 -20.43 -11.07
N ARG A 70 -18.65 -19.83 -10.65
CA ARG A 70 -19.58 -19.19 -11.61
C ARG A 70 -18.94 -17.99 -12.30
N THR A 71 -18.31 -17.14 -11.51
CA THR A 71 -17.64 -15.97 -12.08
C THR A 71 -16.67 -16.43 -13.15
N GLN A 72 -15.78 -17.34 -12.80
CA GLN A 72 -14.71 -17.75 -13.71
C GLN A 72 -15.24 -18.48 -14.96
N GLN A 73 -16.30 -19.27 -14.82
CA GLN A 73 -16.89 -19.86 -16.02
C GLN A 73 -17.63 -18.80 -16.85
N HIS A 74 -18.23 -17.81 -16.18
CA HIS A 74 -18.81 -16.65 -16.88
C HIS A 74 -17.77 -15.94 -17.74
N TYR A 75 -16.57 -15.69 -17.21
CA TYR A 75 -15.50 -15.08 -18.01
C TYR A 75 -15.08 -15.98 -19.17
N TYR A 76 -15.10 -17.28 -18.96
CA TYR A 76 -14.82 -18.22 -20.06
C TYR A 76 -15.86 -18.10 -21.18
N GLU A 77 -17.13 -18.07 -20.81
CA GLU A 77 -18.22 -18.05 -21.80
C GLU A 77 -18.27 -16.73 -22.55
N LYS A 78 -18.26 -15.61 -21.84
CA LYS A 78 -18.33 -14.28 -22.46
C LYS A 78 -16.99 -13.78 -23.04
N ASP A 79 -15.87 -14.27 -22.52
CA ASP A 79 -14.54 -13.93 -23.03
C ASP A 79 -14.27 -12.41 -23.10
N PRO A 80 -14.40 -11.71 -21.96
CA PRO A 80 -14.10 -10.29 -21.95
C PRO A 80 -12.61 -10.05 -22.01
N LYS A 81 -12.22 -8.80 -22.25
CA LYS A 81 -10.83 -8.43 -22.12
C LYS A 81 -10.42 -8.65 -20.66
N ARG A 82 -9.27 -9.30 -20.45
CA ARG A 82 -8.80 -9.64 -19.10
C ARG A 82 -7.76 -8.64 -18.63
N ILE A 83 -7.89 -8.18 -17.39
CA ILE A 83 -6.93 -7.26 -16.78
C ILE A 83 -5.98 -8.00 -15.84
N TYR A 84 -4.68 -7.87 -16.09
CA TYR A 84 -3.67 -8.51 -15.25
C TYR A 84 -2.88 -7.46 -14.50
N TYR A 85 -3.08 -7.41 -13.19
CA TYR A 85 -2.42 -6.46 -12.32
C TYR A 85 -1.21 -7.13 -11.68
N LEU A 86 -0.02 -6.79 -12.17
CA LEU A 86 1.23 -7.43 -11.73
C LEU A 86 1.87 -6.58 -10.64
N SER A 87 2.15 -7.19 -9.50
CA SER A 87 2.77 -6.48 -8.38
C SER A 87 3.58 -7.48 -7.58
N LEU A 88 4.68 -7.02 -7.00
CA LEU A 88 5.46 -7.84 -6.10
C LEU A 88 4.87 -7.79 -4.69
N GLU A 89 3.86 -6.96 -4.49
CA GLU A 89 3.27 -6.75 -3.16
C GLU A 89 1.75 -6.71 -3.23
N PHE A 90 1.13 -7.46 -2.32
CA PHE A 90 -0.30 -7.34 -2.08
C PHE A 90 -0.49 -7.37 -0.58
N TYR A 91 -0.81 -6.22 0.01
CA TYR A 91 -0.95 -6.14 1.44
C TYR A 91 -2.43 -6.31 1.78
N MET A 92 -2.84 -7.57 1.92
CA MET A 92 -4.27 -7.91 1.98
C MET A 92 -4.89 -7.67 3.36
N GLY A 93 -4.10 -7.84 4.41
CA GLY A 93 -4.62 -7.79 5.77
C GLY A 93 -5.46 -9.03 6.06
N ARG A 94 -6.40 -8.92 6.98
CA ARG A 94 -7.35 -10.01 7.29
C ARG A 94 -8.44 -10.08 6.25
N THR A 95 -8.93 -11.29 6.03
CA THR A 95 -9.89 -11.62 4.96
C THR A 95 -11.32 -11.94 5.47
N LEU A 96 -11.44 -12.42 6.71
CA LEU A 96 -12.73 -12.96 7.23
C LEU A 96 -13.85 -11.92 7.23
N GLN A 97 -13.64 -10.81 7.95
CA GLN A 97 -14.64 -9.75 8.03
C GLN A 97 -14.93 -9.18 6.65
N ASN A 98 -13.89 -8.91 5.88
CA ASN A 98 -14.06 -8.41 4.51
C ASN A 98 -14.95 -9.29 3.66
N THR A 99 -14.77 -10.60 3.78
CA THR A 99 -15.58 -11.54 3.02
C THR A 99 -17.03 -11.48 3.52
N MET A 100 -17.23 -11.41 4.83
CA MET A 100 -18.58 -11.35 5.38
C MET A 100 -19.28 -10.09 4.87
N VAL A 101 -18.61 -8.95 4.99
CA VAL A 101 -19.17 -7.68 4.55
C VAL A 101 -19.57 -7.74 3.08
N ASN A 102 -18.68 -8.26 2.24
CA ASN A 102 -18.95 -8.29 0.78
C ASN A 102 -20.00 -9.32 0.35
N LEU A 103 -20.26 -10.31 1.20
CA LEU A 103 -21.28 -11.32 0.90
C LEU A 103 -22.58 -11.07 1.68
N ALA A 104 -22.59 -10.00 2.49
CA ALA A 104 -23.75 -9.59 3.27
C ALA A 104 -24.07 -10.58 4.40
N LEU A 105 -23.02 -11.17 4.99
CA LEU A 105 -23.18 -12.27 5.95
C LEU A 105 -22.82 -11.88 7.38
N GLU A 106 -22.44 -10.63 7.59
CA GLU A 106 -21.84 -10.23 8.86
C GLU A 106 -22.77 -10.40 10.10
N ASN A 107 -24.02 -9.95 9.99
CA ASN A 107 -24.93 -10.01 11.14
C ASN A 107 -25.40 -11.45 11.38
N ALA A 108 -25.66 -12.17 10.29
CA ALA A 108 -26.00 -13.59 10.35
C ALA A 108 -24.90 -14.38 11.08
N CYS A 109 -23.66 -14.21 10.64
CA CYS A 109 -22.53 -14.87 11.30
C CYS A 109 -22.39 -14.40 12.74
N ASP A 110 -22.63 -13.10 12.96
CA ASP A 110 -22.61 -12.55 14.31
C ASP A 110 -23.65 -13.23 15.19
N GLU A 111 -24.86 -13.36 14.63
CA GLU A 111 -25.99 -13.99 15.31
C GLU A 111 -25.72 -15.47 15.53
N ALA A 112 -25.30 -16.16 14.47
CA ALA A 112 -25.01 -17.59 14.53
C ALA A 112 -23.95 -17.91 15.57
N THR A 113 -22.88 -17.12 15.60
CA THR A 113 -21.80 -17.33 16.57
C THR A 113 -22.23 -16.97 18.00
N TYR A 114 -22.98 -15.88 18.14
CA TYR A 114 -23.57 -15.51 19.42
C TYR A 114 -24.39 -16.66 19.99
N GLN A 115 -25.24 -17.26 19.16
CA GLN A 115 -26.09 -18.39 19.55
C GLN A 115 -25.31 -19.67 19.92
N LEU A 116 -24.07 -19.78 19.43
CA LEU A 116 -23.19 -20.88 19.83
C LEU A 116 -22.32 -20.50 21.02
N GLY A 117 -22.56 -19.31 21.59
CA GLY A 117 -21.83 -18.86 22.78
C GLY A 117 -20.47 -18.25 22.49
N LEU A 118 -20.33 -17.69 21.30
CA LEU A 118 -19.03 -17.13 20.87
C LEU A 118 -19.14 -15.66 20.48
N ASP A 119 -18.10 -14.91 20.79
CA ASP A 119 -17.97 -13.52 20.37
C ASP A 119 -17.19 -13.47 19.05
N MET A 120 -17.87 -13.07 17.99
CA MET A 120 -17.25 -13.06 16.67
C MET A 120 -16.07 -12.09 16.57
N GLU A 121 -16.14 -10.95 17.25
CA GLU A 121 -15.04 -9.97 17.23
C GLU A 121 -13.75 -10.56 17.77
N GLU A 122 -13.89 -11.37 18.82
CA GLU A 122 -12.76 -12.05 19.43
C GLU A 122 -12.12 -13.05 18.46
N LEU A 123 -12.94 -13.77 17.72
CA LEU A 123 -12.45 -14.73 16.73
C LEU A 123 -11.77 -14.03 15.54
N GLU A 124 -12.31 -12.88 15.14
CA GLU A 124 -11.72 -12.05 14.08
C GLU A 124 -10.30 -11.63 14.43
N GLU A 125 -10.04 -11.36 15.71
CA GLU A 125 -8.73 -10.94 16.19
C GLU A 125 -7.67 -12.03 16.12
N ILE A 126 -8.07 -13.28 15.93
CA ILE A 126 -7.14 -14.40 15.84
C ILE A 126 -6.51 -14.51 14.46
N GLU A 127 -7.21 -14.05 13.43
CA GLU A 127 -6.68 -14.12 12.06
C GLU A 127 -5.40 -13.29 11.91
N GLU A 128 -4.38 -13.89 11.31
CA GLU A 128 -3.14 -13.18 10.96
C GLU A 128 -3.38 -12.26 9.77
N ASP A 129 -2.78 -11.08 9.78
CA ASP A 129 -2.65 -10.28 8.56
C ASP A 129 -1.88 -11.04 7.51
N ALA A 130 -2.42 -11.09 6.31
CA ALA A 130 -1.60 -11.42 5.15
C ALA A 130 -0.77 -10.16 4.87
N GLY A 131 0.48 -10.17 5.28
CA GLY A 131 1.37 -9.02 5.17
C GLY A 131 2.37 -9.15 4.04
N LEU A 132 1.87 -9.42 2.84
CA LEU A 132 2.71 -9.62 1.68
C LEU A 132 3.03 -8.29 0.99
N GLY A 133 3.24 -7.24 1.77
CA GLY A 133 3.55 -5.92 1.25
C GLY A 133 4.22 -5.06 2.30
N ASN A 134 4.83 -3.96 1.87
CA ASN A 134 5.56 -3.08 2.76
C ASN A 134 4.69 -1.97 3.33
N GLY A 135 3.71 -1.53 2.55
CA GLY A 135 2.96 -0.35 2.92
C GLY A 135 2.03 0.05 1.81
N GLY A 136 2.13 1.31 1.41
CA GLY A 136 1.14 1.92 0.55
C GLY A 136 1.02 1.30 -0.83
N LEU A 137 2.14 0.87 -1.39
CA LEU A 137 2.12 0.27 -2.72
C LEU A 137 1.38 -1.07 -2.68
N GLY A 138 1.73 -1.90 -1.71
CA GLY A 138 1.09 -3.20 -1.53
C GLY A 138 -0.38 -3.05 -1.15
N ARG A 139 -0.68 -2.10 -0.27
CA ARG A 139 -2.07 -1.86 0.12
C ARG A 139 -2.92 -1.31 -1.03
N LEU A 140 -2.31 -0.52 -1.92
CA LEU A 140 -3.02 -0.01 -3.08
C LEU A 140 -3.46 -1.15 -3.97
N ALA A 141 -2.59 -2.14 -4.13
CA ALA A 141 -2.92 -3.30 -4.92
C ALA A 141 -4.13 -4.02 -4.30
N ALA A 142 -4.15 -4.13 -2.98
CA ALA A 142 -5.25 -4.80 -2.27
C ALA A 142 -6.59 -4.04 -2.45
N CYS A 143 -6.54 -2.72 -2.25
CA CYS A 143 -7.71 -1.89 -2.48
C CYS A 143 -8.18 -2.00 -3.92
N PHE A 144 -7.24 -1.98 -4.85
CA PHE A 144 -7.55 -2.09 -6.26
C PHE A 144 -8.24 -3.40 -6.63
N LEU A 145 -7.81 -4.51 -6.04
CA LEU A 145 -8.45 -5.80 -6.31
C LEU A 145 -9.93 -5.79 -5.89
N ASP A 146 -10.19 -5.28 -4.69
CA ASP A 146 -11.53 -5.12 -4.16
C ASP A 146 -12.40 -4.28 -5.12
N SER A 147 -11.86 -3.16 -5.61
CA SER A 147 -12.62 -2.29 -6.51
C SER A 147 -12.85 -2.95 -7.86
N MET A 148 -11.86 -3.66 -8.37
CA MET A 148 -12.02 -4.34 -9.66
C MET A 148 -13.13 -5.40 -9.63
N ALA A 149 -13.22 -6.13 -8.53
CA ALA A 149 -14.26 -7.13 -8.35
C ALA A 149 -15.64 -6.46 -8.24
N THR A 150 -15.69 -5.40 -7.45
CA THR A 150 -16.90 -4.62 -7.23
C THR A 150 -17.40 -3.96 -8.53
N LEU A 151 -16.49 -3.67 -9.45
CA LEU A 151 -16.85 -3.05 -10.71
C LEU A 151 -16.97 -4.06 -11.84
N GLY A 152 -16.96 -5.34 -11.49
CA GLY A 152 -17.26 -6.40 -12.44
C GLY A 152 -16.25 -6.59 -13.53
N LEU A 153 -14.99 -6.26 -13.25
CA LEU A 153 -13.92 -6.42 -14.25
C LEU A 153 -13.34 -7.81 -14.19
N ALA A 154 -12.99 -8.36 -15.34
CA ALA A 154 -12.35 -9.66 -15.41
C ALA A 154 -10.86 -9.51 -15.07
N ALA A 155 -10.58 -9.35 -13.77
CA ALA A 155 -9.27 -8.92 -13.30
C ALA A 155 -8.59 -9.99 -12.44
N TYR A 156 -7.28 -10.11 -12.63
CA TYR A 156 -6.46 -11.05 -11.87
C TYR A 156 -5.32 -10.29 -11.24
N GLY A 157 -5.13 -10.49 -9.95
CA GLY A 157 -3.93 -10.02 -9.27
C GLY A 157 -2.90 -11.14 -9.37
N TYR A 158 -1.69 -10.80 -9.77
CA TYR A 158 -0.59 -11.78 -9.87
C TYR A 158 0.61 -11.30 -9.08
N GLY A 159 1.14 -12.19 -8.25
CA GLY A 159 2.29 -11.87 -7.44
C GLY A 159 2.98 -13.11 -6.92
N ILE A 160 3.68 -12.93 -5.81
CA ILE A 160 4.45 -13.99 -5.20
C ILE A 160 3.84 -14.33 -3.85
N ARG A 161 3.70 -15.62 -3.57
CA ARG A 161 3.28 -16.07 -2.25
C ARG A 161 4.51 -16.18 -1.37
N TYR A 162 4.83 -15.09 -0.67
CA TYR A 162 5.99 -15.13 0.20
C TYR A 162 5.67 -15.98 1.40
N GLU A 163 6.63 -16.82 1.80
CA GLU A 163 6.49 -17.60 2.99
C GLU A 163 6.52 -16.70 4.20
N PHE A 164 7.36 -15.65 4.14
CA PHE A 164 7.46 -14.65 5.18
C PHE A 164 7.18 -13.27 4.59
N GLY A 165 6.17 -12.61 5.13
CA GLY A 165 5.78 -11.27 4.69
C GLY A 165 6.59 -10.23 5.41
N ILE A 166 6.06 -9.02 5.49
CA ILE A 166 6.74 -7.95 6.20
C ILE A 166 6.97 -8.40 7.66
N PHE A 167 8.17 -8.20 8.17
CA PHE A 167 8.51 -8.63 9.53
C PHE A 167 7.59 -8.04 10.61
N ASN A 168 7.38 -8.80 11.67
CA ASN A 168 6.79 -8.27 12.89
C ASN A 168 7.82 -7.42 13.62
N GLN A 169 7.41 -6.23 14.02
CA GLN A 169 8.24 -5.29 14.75
C GLN A 169 8.02 -5.41 16.27
N LYS A 170 9.08 -5.68 17.00
CA LYS A 170 9.08 -5.59 18.46
C LYS A 170 9.96 -4.41 18.85
N ILE A 171 9.55 -3.66 19.85
CA ILE A 171 10.38 -2.61 20.42
C ILE A 171 11.05 -3.12 21.69
N CYS A 172 12.39 -3.15 21.68
CA CYS A 172 13.19 -3.58 22.84
C CYS A 172 14.13 -2.45 23.25
N GLY A 173 13.92 -1.91 24.44
CA GLY A 173 14.72 -0.79 24.93
C GLY A 173 14.61 0.43 24.03
N GLY A 174 13.45 0.58 23.38
CA GLY A 174 13.22 1.68 22.45
C GLY A 174 13.72 1.44 21.03
N TRP A 175 14.35 0.29 20.78
CA TRP A 175 14.87 -0.05 19.45
C TRP A 175 13.97 -1.04 18.71
N GLN A 176 13.86 -0.88 17.41
CA GLN A 176 13.16 -1.86 16.58
C GLN A 176 13.92 -3.18 16.54
N MET A 177 13.19 -4.26 16.77
CA MET A 177 13.67 -5.61 16.51
C MET A 177 12.74 -6.21 15.45
N GLU A 178 13.33 -6.98 14.54
CA GLU A 178 12.59 -7.64 13.48
C GLU A 178 12.41 -9.11 13.82
N GLU A 179 11.18 -9.60 13.67
CA GLU A 179 10.89 -11.02 13.82
C GLU A 179 10.24 -11.49 12.53
N ALA A 180 10.63 -12.69 12.10
CA ALA A 180 10.02 -13.33 10.96
C ALA A 180 8.52 -13.40 11.13
N ASP A 181 7.81 -13.02 10.08
CA ASP A 181 6.35 -13.06 10.06
C ASP A 181 5.93 -14.41 9.49
N ASP A 182 5.78 -15.38 10.39
CA ASP A 182 5.49 -16.75 10.02
C ASP A 182 3.97 -16.92 9.87
N TRP A 183 3.42 -16.25 8.87
CA TRP A 183 1.97 -16.09 8.71
C TRP A 183 1.23 -17.36 8.28
N LEU A 184 1.96 -18.34 7.76
CA LEU A 184 1.37 -19.59 7.30
C LEU A 184 1.42 -20.68 8.37
N ARG A 185 1.94 -20.35 9.55
CA ARG A 185 2.13 -21.27 10.68
C ARG A 185 0.94 -22.22 10.89
N TYR A 186 -0.25 -21.65 11.00
CA TYR A 186 -1.48 -22.42 11.27
C TYR A 186 -2.28 -22.73 10.02
N GLY A 187 -1.72 -22.44 8.84
CA GLY A 187 -2.43 -22.61 7.59
C GLY A 187 -3.18 -21.36 7.19
N ASN A 188 -3.43 -21.23 5.90
CA ASN A 188 -4.18 -20.12 5.35
C ASN A 188 -5.44 -20.69 4.69
N PRO A 189 -6.61 -20.50 5.33
CA PRO A 189 -7.82 -21.09 4.78
C PRO A 189 -8.30 -20.42 3.48
N TRP A 190 -7.80 -19.24 3.19
CA TRP A 190 -8.27 -18.46 2.06
C TRP A 190 -7.58 -18.79 0.74
N GLU A 191 -6.55 -19.62 0.75
CA GLU A 191 -5.87 -19.96 -0.49
C GLU A 191 -6.22 -21.36 -0.93
N LYS A 192 -6.25 -21.57 -2.25
CA LYS A 192 -6.35 -22.90 -2.81
C LYS A 192 -5.11 -23.16 -3.64
N ALA A 193 -4.32 -24.14 -3.21
CA ALA A 193 -3.17 -24.60 -3.97
C ALA A 193 -3.65 -25.19 -5.26
N ARG A 194 -2.97 -24.85 -6.36
CA ARG A 194 -3.28 -25.40 -7.67
C ARG A 194 -2.02 -26.03 -8.25
N PRO A 195 -1.49 -27.09 -7.61
CA PRO A 195 -0.24 -27.71 -8.07
C PRO A 195 -0.30 -28.26 -9.49
N GLU A 196 -1.50 -28.58 -9.96
CA GLU A 196 -1.71 -29.01 -11.33
C GLU A 196 -1.45 -27.92 -12.39
N PHE A 197 -1.43 -26.65 -12.00
CA PHE A 197 -1.14 -25.57 -12.96
C PHE A 197 0.29 -25.03 -12.82
N THR A 198 1.18 -25.86 -12.29
CA THR A 198 2.57 -25.48 -12.06
C THR A 198 3.27 -25.28 -13.40
N LEU A 199 4.10 -24.25 -13.48
CA LEU A 199 4.76 -23.84 -14.72
C LEU A 199 6.27 -23.71 -14.50
N PRO A 200 7.07 -24.00 -15.52
CA PRO A 200 8.52 -23.82 -15.43
C PRO A 200 8.98 -22.39 -15.67
N VAL A 201 9.97 -21.95 -14.91
CA VAL A 201 10.62 -20.67 -15.08
C VAL A 201 12.11 -20.93 -15.24
N HIS A 202 12.75 -20.25 -16.19
CA HIS A 202 14.16 -20.51 -16.52
C HIS A 202 15.07 -19.40 -16.06
N PHE A 203 16.27 -19.79 -15.64
CA PHE A 203 17.32 -18.87 -15.22
C PHE A 203 18.68 -19.30 -15.78
N TYR A 204 19.60 -18.34 -15.89
CA TYR A 204 20.96 -18.57 -16.34
C TYR A 204 20.97 -19.06 -17.79
N GLY A 205 21.77 -20.07 -18.11
CA GLY A 205 21.86 -20.58 -19.47
C GLY A 205 22.66 -19.64 -20.36
N ARG A 206 22.46 -19.77 -21.67
CA ARG A 206 23.13 -18.91 -22.62
C ARG A 206 22.30 -18.90 -23.88
N VAL A 207 22.63 -18.02 -24.81
CA VAL A 207 21.86 -17.86 -26.04
C VAL A 207 22.61 -18.49 -27.20
N GLU A 208 21.87 -19.27 -27.98
CA GLU A 208 22.38 -19.94 -29.17
C GLU A 208 21.62 -19.36 -30.36
N HIS A 209 22.34 -18.92 -31.39
CA HIS A 209 21.71 -18.41 -32.60
C HIS A 209 21.74 -19.49 -33.67
N THR A 210 20.57 -19.90 -34.14
CA THR A 210 20.45 -20.91 -35.19
C THR A 210 19.94 -20.27 -36.47
N SER A 211 19.73 -21.09 -37.51
CA SER A 211 19.04 -20.67 -38.72
C SER A 211 17.60 -20.28 -38.40
N GLN A 212 16.97 -21.06 -37.53
CA GLN A 212 15.58 -20.81 -37.12
C GLN A 212 15.45 -19.52 -36.30
N GLY A 213 16.48 -19.22 -35.50
CA GLY A 213 16.52 -18.00 -34.70
C GLY A 213 17.28 -18.20 -33.39
N ALA A 214 17.01 -17.33 -32.42
CA ALA A 214 17.66 -17.42 -31.12
C ALA A 214 17.02 -18.51 -30.24
N LYS A 215 17.83 -19.11 -29.37
CA LYS A 215 17.37 -20.18 -28.53
C LYS A 215 18.11 -20.08 -27.20
N TRP A 216 17.34 -20.10 -26.10
CA TRP A 216 17.88 -19.96 -24.73
C TRP A 216 17.99 -21.35 -24.15
N VAL A 217 19.22 -21.81 -23.92
CA VAL A 217 19.51 -23.22 -23.59
C VAL A 217 20.36 -23.32 -22.34
N ASP A 218 20.49 -24.55 -21.84
CA ASP A 218 21.27 -24.86 -20.63
C ASP A 218 20.81 -24.08 -19.41
N THR A 219 19.50 -23.91 -19.29
CA THR A 219 18.96 -23.12 -18.19
C THR A 219 18.77 -24.00 -16.95
N GLN A 220 18.78 -23.35 -15.79
CA GLN A 220 18.29 -23.98 -14.57
C GLN A 220 16.80 -23.67 -14.46
N VAL A 221 16.02 -24.69 -14.15
CA VAL A 221 14.57 -24.60 -14.07
C VAL A 221 14.13 -24.49 -12.61
N VAL A 222 13.28 -23.52 -12.34
CA VAL A 222 12.52 -23.46 -11.09
C VAL A 222 11.03 -23.57 -11.42
N LEU A 223 10.29 -24.32 -10.61
CA LEU A 223 8.87 -24.48 -10.85
C LEU A 223 8.10 -23.38 -10.12
N ALA A 224 7.05 -22.89 -10.76
CA ALA A 224 6.16 -21.90 -10.16
C ALA A 224 4.80 -22.54 -9.93
N MET A 225 4.46 -22.70 -8.66
CA MET A 225 3.20 -23.31 -8.25
C MET A 225 2.22 -22.24 -7.82
N PRO A 226 1.04 -22.16 -8.46
CA PRO A 226 0.08 -21.12 -8.08
C PRO A 226 -0.80 -21.47 -6.87
N TYR A 227 -1.07 -20.46 -6.07
CA TYR A 227 -2.07 -20.51 -5.03
C TYR A 227 -3.08 -19.41 -5.34
N ASP A 228 -4.35 -19.79 -5.47
CA ASP A 228 -5.43 -18.87 -5.80
C ASP A 228 -6.19 -18.46 -4.55
N THR A 229 -6.39 -17.16 -4.40
CA THR A 229 -7.18 -16.59 -3.32
C THR A 229 -8.36 -15.87 -3.97
N PRO A 230 -9.57 -16.07 -3.43
CA PRO A 230 -10.76 -15.42 -3.98
C PRO A 230 -10.84 -13.95 -3.59
N VAL A 231 -11.31 -13.11 -4.50
CA VAL A 231 -11.47 -11.69 -4.25
C VAL A 231 -12.93 -11.30 -4.52
N PRO A 232 -13.75 -11.25 -3.46
CA PRO A 232 -15.18 -11.01 -3.66
C PRO A 232 -15.50 -9.53 -3.92
N GLY A 233 -16.32 -9.26 -4.93
CA GLY A 233 -16.85 -7.91 -5.10
C GLY A 233 -17.90 -7.60 -4.04
N TYR A 234 -18.26 -6.32 -3.91
CA TYR A 234 -19.25 -5.90 -2.91
C TYR A 234 -20.67 -6.23 -3.40
N ARG A 235 -21.24 -7.27 -2.81
CA ARG A 235 -22.64 -7.65 -3.02
C ARG A 235 -23.07 -7.74 -4.47
N ASN A 236 -22.16 -8.18 -5.32
CA ASN A 236 -22.48 -8.40 -6.72
C ASN A 236 -22.27 -9.84 -7.19
N ASN A 237 -21.94 -10.73 -6.24
CA ASN A 237 -21.62 -12.14 -6.53
C ASN A 237 -20.47 -12.36 -7.52
N VAL A 238 -19.65 -11.34 -7.73
CA VAL A 238 -18.44 -11.50 -8.52
C VAL A 238 -17.35 -11.93 -7.54
N VAL A 239 -16.60 -12.95 -7.93
CA VAL A 239 -15.42 -13.36 -7.17
C VAL A 239 -14.27 -13.57 -8.16
N ASN A 240 -13.30 -12.68 -8.07
CA ASN A 240 -12.14 -12.70 -8.93
C ASN A 240 -11.03 -13.46 -8.24
N THR A 241 -9.87 -13.55 -8.88
CA THR A 241 -8.76 -14.35 -8.38
C THR A 241 -7.50 -13.55 -8.19
N MET A 242 -6.87 -13.74 -7.03
CA MET A 242 -5.50 -13.32 -6.84
C MET A 242 -4.66 -14.60 -6.90
N ARG A 243 -3.79 -14.69 -7.90
CA ARG A 243 -2.91 -15.85 -8.07
C ARG A 243 -1.47 -15.51 -7.66
N LEU A 244 -1.00 -16.19 -6.62
CA LEU A 244 0.32 -15.97 -6.10
C LEU A 244 1.19 -17.21 -6.34
N TRP A 245 2.38 -16.99 -6.89
CA TRP A 245 3.27 -18.06 -7.25
C TRP A 245 4.21 -18.42 -6.11
N SER A 246 4.38 -19.71 -5.89
CA SER A 246 5.34 -20.26 -4.96
C SER A 246 6.41 -21.04 -5.73
N ALA A 247 7.66 -20.91 -5.29
CA ALA A 247 8.79 -21.53 -5.98
C ALA A 247 9.01 -22.95 -5.49
N LYS A 248 9.12 -23.88 -6.43
CA LYS A 248 9.37 -25.29 -6.13
C LYS A 248 10.54 -25.83 -6.96
N ALA A 249 11.35 -26.70 -6.36
CA ALA A 249 12.45 -27.31 -7.10
C ALA A 249 11.91 -28.43 -7.98
N PRO A 250 12.43 -28.57 -9.22
CA PRO A 250 12.03 -29.72 -10.04
C PRO A 250 12.56 -31.04 -9.44
N ASN A 251 11.96 -32.17 -9.79
CA ASN A 251 12.29 -33.45 -9.12
C ASN A 251 13.64 -34.05 -9.49
N ASP A 252 14.08 -33.81 -10.72
CA ASP A 252 15.42 -34.22 -11.15
C ASP A 252 16.47 -33.30 -10.52
N GLY A 262 26.46 -36.71 -0.96
CA GLY A 262 25.97 -36.67 -2.34
C GLY A 262 24.44 -36.58 -2.41
N TYR A 263 23.77 -37.72 -2.20
CA TYR A 263 22.31 -37.82 -2.36
C TYR A 263 21.59 -36.90 -1.39
N ILE A 264 21.94 -36.99 -0.10
CA ILE A 264 21.32 -36.20 0.94
C ILE A 264 21.47 -34.71 0.63
N GLN A 265 22.68 -34.30 0.28
CA GLN A 265 22.96 -32.90 0.00
C GLN A 265 22.20 -32.40 -1.22
N ALA A 266 22.04 -33.23 -2.25
CA ALA A 266 21.26 -32.85 -3.43
C ALA A 266 19.82 -32.53 -3.04
N VAL A 267 19.26 -33.33 -2.13
CA VAL A 267 17.90 -33.11 -1.66
C VAL A 267 17.81 -31.82 -0.84
N LEU A 268 18.79 -31.57 0.04
CA LEU A 268 18.79 -30.36 0.86
C LEU A 268 19.00 -29.09 0.03
N ASP A 269 19.74 -29.20 -1.07
CA ASP A 269 19.98 -28.08 -1.98
C ASP A 269 18.76 -27.61 -2.75
N ARG A 270 17.68 -28.36 -2.70
CA ARG A 270 16.42 -27.91 -3.28
C ARG A 270 15.95 -26.58 -2.68
N ASN A 271 16.28 -26.37 -1.41
CA ASN A 271 16.03 -25.10 -0.73
C ASN A 271 16.51 -23.87 -1.49
N LEU A 272 17.63 -24.01 -2.22
CA LEU A 272 18.17 -22.88 -2.96
C LEU A 272 17.17 -22.33 -3.97
N ALA A 273 16.50 -23.23 -4.70
CA ALA A 273 15.52 -22.82 -5.69
C ALA A 273 14.28 -22.24 -5.00
N GLU A 274 13.91 -22.84 -3.87
CA GLU A 274 12.67 -22.51 -3.18
C GLU A 274 12.83 -21.22 -2.39
N ASN A 275 14.07 -20.78 -2.19
CA ASN A 275 14.32 -19.50 -1.56
C ASN A 275 13.78 -18.30 -2.32
N ILE A 276 13.50 -18.47 -3.61
CA ILE A 276 12.98 -17.35 -4.42
C ILE A 276 11.68 -16.74 -3.83
N SER A 277 10.79 -17.60 -3.34
CA SER A 277 9.51 -17.11 -2.80
C SER A 277 9.50 -17.09 -1.29
N ARG A 278 10.69 -17.07 -0.67
CA ARG A 278 10.75 -17.24 0.76
C ARG A 278 10.38 -15.99 1.52
N VAL A 279 10.88 -14.83 1.09
CA VAL A 279 10.72 -13.62 1.90
C VAL A 279 10.56 -12.34 1.09
N LEU A 280 9.67 -11.50 1.58
CA LEU A 280 9.44 -10.16 1.04
C LEU A 280 10.60 -9.26 1.40
N TYR A 281 11.15 -8.59 0.39
CA TYR A 281 12.15 -7.55 0.64
C TYR A 281 11.51 -6.38 1.37
N PRO A 282 12.04 -6.01 2.55
CA PRO A 282 11.45 -4.98 3.39
C PRO A 282 11.97 -3.55 3.13
N ASN A 283 12.77 -3.36 2.09
CA ASN A 283 13.47 -2.08 1.88
C ASN A 283 12.64 -1.18 0.99
N ASP A 284 11.54 -0.69 1.57
CA ASP A 284 10.52 0.10 0.88
C ASP A 284 11.06 1.45 0.40
N ASN A 285 10.77 1.80 -0.83
CA ASN A 285 11.27 3.05 -1.44
C ASN A 285 12.80 3.14 -1.45
N PHE A 286 13.47 2.00 -1.52
CA PHE A 286 14.93 1.97 -1.55
C PHE A 286 15.45 0.77 -2.34
N PHE A 287 16.04 1.02 -3.50
CA PHE A 287 16.59 -0.03 -4.34
C PHE A 287 17.97 -0.50 -3.85
N GLU A 288 18.14 -1.80 -3.60
CA GLU A 288 19.44 -2.36 -3.18
C GLU A 288 20.19 -3.19 -4.24
N GLY A 289 19.49 -3.64 -5.26
CA GLY A 289 20.15 -4.36 -6.35
C GLY A 289 20.62 -5.76 -6.00
N LYS A 290 19.84 -6.49 -5.22
CA LYS A 290 20.20 -7.85 -4.85
C LYS A 290 19.74 -8.87 -5.90
N GLU A 291 20.54 -9.90 -6.14
CA GLU A 291 20.21 -10.90 -7.15
C GLU A 291 18.92 -11.66 -6.84
N LEU A 292 18.74 -12.03 -5.58
CA LEU A 292 17.55 -12.77 -5.19
C LEU A 292 16.28 -11.95 -5.52
N ARG A 293 16.35 -10.64 -5.36
CA ARG A 293 15.22 -9.77 -5.71
C ARG A 293 14.97 -9.78 -7.21
N LEU A 294 16.04 -9.77 -8.00
CA LEU A 294 15.90 -9.84 -9.44
C LEU A 294 15.27 -11.18 -9.85
N LYS A 295 15.68 -12.26 -9.19
CA LYS A 295 15.05 -13.56 -9.42
C LYS A 295 13.55 -13.53 -9.11
N GLN A 296 13.18 -12.87 -8.02
CA GLN A 296 11.77 -12.75 -7.66
C GLN A 296 11.00 -12.05 -8.75
N GLU A 297 11.58 -10.97 -9.27
CA GLU A 297 10.94 -10.17 -10.28
C GLU A 297 10.73 -10.97 -11.55
N TYR A 298 11.74 -11.72 -11.98
CA TYR A 298 11.59 -12.51 -13.19
C TYR A 298 10.64 -13.69 -12.98
N PHE A 299 10.76 -14.33 -11.82
CA PHE A 299 9.89 -15.42 -11.42
C PHE A 299 8.41 -15.08 -11.60
N VAL A 300 7.99 -13.95 -11.03
CA VAL A 300 6.56 -13.59 -11.09
C VAL A 300 6.15 -13.27 -12.54
N VAL A 301 7.04 -12.60 -13.25
CA VAL A 301 6.80 -12.19 -14.62
C VAL A 301 6.72 -13.37 -15.58
N ALA A 302 7.65 -14.31 -15.45
CA ALA A 302 7.72 -15.44 -16.36
C ALA A 302 6.54 -16.38 -16.19
N ALA A 303 6.21 -16.74 -14.95
CA ALA A 303 5.08 -17.62 -14.69
C ALA A 303 3.76 -16.98 -15.13
N THR A 304 3.58 -15.71 -14.77
CA THR A 304 2.38 -14.97 -15.09
C THR A 304 2.13 -14.89 -16.59
N LEU A 305 3.14 -14.52 -17.35
CA LEU A 305 2.94 -14.37 -18.80
C LEU A 305 2.59 -15.69 -19.48
N GLN A 306 3.19 -16.81 -19.04
CA GLN A 306 2.79 -18.13 -19.54
C GLN A 306 1.33 -18.42 -19.24
N ASP A 307 0.92 -18.07 -18.02
CA ASP A 307 -0.46 -18.27 -17.60
C ASP A 307 -1.40 -17.40 -18.46
N ILE A 308 -1.01 -16.14 -18.66
CA ILE A 308 -1.77 -15.22 -19.50
C ILE A 308 -1.90 -15.75 -20.93
N ILE A 309 -0.80 -16.22 -21.51
CA ILE A 309 -0.81 -16.70 -22.88
C ILE A 309 -1.66 -17.97 -22.99
N ARG A 310 -1.44 -18.91 -22.07
CA ARG A 310 -2.25 -20.13 -21.97
C ARG A 310 -3.75 -19.81 -22.00
N ARG A 311 -4.17 -18.89 -21.13
CA ARG A 311 -5.57 -18.49 -21.01
C ARG A 311 -6.10 -17.85 -22.29
N PHE A 312 -5.25 -17.05 -22.94
CA PHE A 312 -5.59 -16.42 -24.23
C PHE A 312 -5.79 -17.46 -25.35
N LYS A 313 -4.91 -18.45 -25.42
CA LYS A 313 -5.01 -19.47 -26.46
C LYS A 313 -6.21 -20.37 -26.27
N SER A 314 -6.63 -20.54 -25.02
CA SER A 314 -7.79 -21.37 -24.72
C SER A 314 -9.08 -20.55 -24.79
N SER A 315 -9.44 -20.14 -26.00
CA SER A 315 -10.71 -19.44 -26.24
C SER A 315 -11.71 -20.38 -26.90
N THR A 325 -2.32 -18.89 -33.10
CA THR A 325 -1.40 -18.37 -34.11
C THR A 325 -1.49 -16.86 -34.20
N ASN A 326 -2.71 -16.32 -34.18
CA ASN A 326 -2.94 -14.90 -34.42
C ASN A 326 -2.93 -14.05 -33.14
N PHE A 327 -1.80 -13.38 -32.91
CA PHE A 327 -1.66 -12.51 -31.75
C PHE A 327 -2.09 -11.07 -32.02
N ASP A 328 -2.66 -10.80 -33.19
CA ASP A 328 -3.17 -9.46 -33.48
C ASP A 328 -4.24 -9.03 -32.48
N ALA A 329 -5.03 -9.99 -32.00
CA ALA A 329 -6.10 -9.71 -31.06
C ALA A 329 -5.65 -9.75 -29.59
N PHE A 330 -4.37 -10.05 -29.35
CA PHE A 330 -3.86 -10.19 -27.99
C PHE A 330 -4.15 -8.94 -27.14
N PRO A 331 -3.83 -7.73 -27.65
CA PRO A 331 -4.14 -6.53 -26.88
C PRO A 331 -5.62 -6.19 -26.75
N ASP A 332 -6.50 -6.80 -27.54
CA ASP A 332 -7.94 -6.62 -27.36
C ASP A 332 -8.47 -7.50 -26.24
N LYS A 333 -7.72 -8.56 -25.92
CA LYS A 333 -8.14 -9.52 -24.90
C LYS A 333 -7.30 -9.48 -23.63
N VAL A 334 -6.16 -8.77 -23.66
CA VAL A 334 -5.25 -8.69 -22.51
C VAL A 334 -4.77 -7.26 -22.22
N ALA A 335 -4.91 -6.85 -20.97
CA ALA A 335 -4.18 -5.68 -20.44
C ALA A 335 -3.27 -6.17 -19.33
N ILE A 336 -2.02 -5.70 -19.35
CA ILE A 336 -1.07 -5.98 -18.27
C ILE A 336 -0.67 -4.66 -17.66
N GLN A 337 -1.00 -4.49 -16.38
CA GLN A 337 -0.63 -3.29 -15.65
C GLN A 337 0.60 -3.57 -14.78
N LEU A 338 1.67 -2.82 -15.05
CA LEU A 338 2.91 -2.94 -14.32
C LEU A 338 2.92 -1.94 -13.20
N ASN A 339 3.08 -2.44 -11.98
CA ASN A 339 3.17 -1.61 -10.79
C ASN A 339 4.61 -1.30 -10.40
N ASP A 340 5.03 -0.06 -10.64
CA ASP A 340 6.43 0.33 -10.56
C ASP A 340 7.19 -0.50 -11.61
N THR A 341 8.51 -0.44 -11.56
CA THR A 341 9.34 -1.17 -12.50
C THR A 341 9.57 -2.63 -12.07
N HIS A 342 9.02 -3.01 -10.93
CA HIS A 342 9.36 -4.32 -10.36
C HIS A 342 9.02 -5.49 -11.32
N PRO A 343 7.91 -5.41 -12.06
CA PRO A 343 7.62 -6.41 -13.06
C PRO A 343 7.93 -5.92 -14.49
N SER A 344 8.89 -5.01 -14.62
CA SER A 344 9.27 -4.44 -15.92
C SER A 344 9.82 -5.48 -16.89
N LEU A 345 10.33 -6.60 -16.37
CA LEU A 345 10.79 -7.66 -17.25
C LEU A 345 9.66 -8.29 -18.05
N ALA A 346 8.41 -8.02 -17.69
CA ALA A 346 7.27 -8.44 -18.54
C ALA A 346 7.44 -7.99 -19.98
N ILE A 347 8.03 -6.82 -20.19
CA ILE A 347 8.18 -6.26 -21.53
C ILE A 347 9.13 -7.10 -22.40
N PRO A 348 10.38 -7.32 -21.97
CA PRO A 348 11.23 -8.18 -22.77
C PRO A 348 10.84 -9.67 -22.76
N GLU A 349 10.16 -10.12 -21.69
CA GLU A 349 9.68 -11.48 -21.64
C GLU A 349 8.59 -11.70 -22.67
N LEU A 350 7.66 -10.76 -22.77
CA LEU A 350 6.60 -10.88 -23.76
C LEU A 350 7.22 -10.88 -25.17
N MET A 351 8.20 -10.02 -25.39
CA MET A 351 8.93 -10.02 -26.66
C MET A 351 9.61 -11.35 -26.92
N ARG A 352 10.31 -11.87 -25.92
CA ARG A 352 10.99 -13.14 -26.04
C ARG A 352 10.06 -14.27 -26.47
N VAL A 353 8.92 -14.37 -25.80
CA VAL A 353 7.94 -15.40 -26.12
C VAL A 353 7.40 -15.20 -27.54
N LEU A 354 7.00 -13.99 -27.89
CA LEU A 354 6.44 -13.73 -29.21
C LEU A 354 7.44 -13.93 -30.35
N VAL A 355 8.70 -13.55 -30.13
CA VAL A 355 9.72 -13.66 -31.16
C VAL A 355 10.39 -15.05 -31.19
N ASP A 356 10.90 -15.51 -30.05
CA ASP A 356 11.65 -16.77 -30.01
C ASP A 356 10.79 -18.02 -30.07
N LEU A 357 9.59 -17.96 -29.49
CA LEU A 357 8.76 -19.16 -29.37
C LEU A 357 7.58 -19.17 -30.35
N GLU A 358 6.92 -18.04 -30.51
CA GLU A 358 5.78 -17.92 -31.44
C GLU A 358 6.21 -17.48 -32.85
N ARG A 359 7.45 -17.01 -32.98
CA ARG A 359 8.03 -16.68 -34.29
C ARG A 359 7.40 -15.48 -34.98
N LEU A 360 6.80 -14.58 -34.22
CA LEU A 360 6.39 -13.29 -34.76
C LEU A 360 7.63 -12.50 -35.12
N ASP A 361 7.50 -11.63 -36.11
CA ASP A 361 8.56 -10.69 -36.44
C ASP A 361 8.61 -9.61 -35.36
N TRP A 362 9.79 -9.05 -35.18
CA TRP A 362 10.04 -8.06 -34.13
C TRP A 362 8.98 -6.97 -34.09
N ASP A 363 8.75 -6.33 -35.24
CA ASP A 363 7.88 -5.15 -35.29
C ASP A 363 6.45 -5.45 -34.84
N LYS A 364 5.93 -6.60 -35.24
CA LYS A 364 4.58 -6.99 -34.85
C LYS A 364 4.53 -7.32 -33.35
N ALA A 365 5.53 -8.08 -32.89
CA ALA A 365 5.69 -8.39 -31.48
C ALA A 365 5.71 -7.13 -30.64
N TRP A 366 6.51 -6.15 -31.07
CA TRP A 366 6.62 -4.87 -30.37
C TRP A 366 5.28 -4.14 -30.28
N GLU A 367 4.55 -4.13 -31.38
CA GLU A 367 3.24 -3.51 -31.43
C GLU A 367 2.28 -4.14 -30.44
N VAL A 368 2.26 -5.47 -30.40
CA VAL A 368 1.42 -6.20 -29.46
C VAL A 368 1.82 -5.87 -28.02
N THR A 369 3.12 -5.86 -27.76
CA THR A 369 3.65 -5.61 -26.42
C THR A 369 3.26 -4.24 -25.90
N VAL A 370 3.53 -3.21 -26.70
CA VAL A 370 3.25 -1.84 -26.32
C VAL A 370 1.77 -1.65 -26.02
N LYS A 371 0.92 -2.22 -26.86
CA LYS A 371 -0.53 -2.07 -26.68
C LYS A 371 -1.08 -2.89 -25.54
N THR A 372 -0.32 -3.90 -25.12
CA THR A 372 -0.73 -4.74 -24.00
C THR A 372 -0.32 -4.13 -22.66
N CYS A 373 0.88 -3.55 -22.61
CA CYS A 373 1.44 -3.06 -21.34
C CYS A 373 1.19 -1.61 -21.03
N ALA A 374 1.01 -1.33 -19.74
CA ALA A 374 0.90 0.02 -19.22
C ALA A 374 1.65 0.06 -17.91
N TYR A 375 2.21 1.23 -17.60
CA TYR A 375 3.13 1.38 -16.50
C TYR A 375 2.64 2.46 -15.53
N THR A 376 2.59 2.10 -14.26
CA THR A 376 2.29 3.07 -13.21
C THR A 376 3.54 3.31 -12.39
N ASN A 377 3.92 4.57 -12.28
CA ASN A 377 5.00 5.00 -11.43
C ASN A 377 4.45 5.40 -10.07
N HIS A 378 5.07 4.94 -8.99
CA HIS A 378 4.56 5.21 -7.66
C HIS A 378 5.48 6.03 -6.79
N THR A 379 6.64 6.43 -7.33
CA THR A 379 7.58 7.21 -6.55
C THR A 379 8.64 7.80 -7.46
N VAL A 380 9.10 9.00 -7.12
CA VAL A 380 10.19 9.68 -7.83
C VAL A 380 11.43 9.84 -6.97
N LEU A 381 11.46 9.21 -5.80
CA LEU A 381 12.67 9.23 -4.98
C LEU A 381 13.79 8.54 -5.74
N PRO A 382 14.93 9.24 -5.97
CA PRO A 382 16.00 8.69 -6.81
C PRO A 382 16.54 7.36 -6.33
N GLU A 383 16.67 7.20 -5.02
CA GLU A 383 17.18 5.96 -4.45
C GLU A 383 16.24 4.76 -4.63
N ALA A 384 14.99 5.00 -5.06
CA ALA A 384 14.03 3.91 -5.29
C ALA A 384 14.10 3.37 -6.72
N LEU A 385 14.74 4.13 -7.60
CA LEU A 385 14.82 3.76 -9.01
C LEU A 385 15.63 2.47 -9.22
N GLU A 386 15.05 1.52 -9.95
CA GLU A 386 15.73 0.26 -10.23
C GLU A 386 16.67 0.41 -11.41
N ARG A 387 17.95 0.24 -11.16
CA ARG A 387 18.96 0.25 -12.21
C ARG A 387 19.83 -0.97 -12.03
N TRP A 388 19.50 -2.02 -12.77
CA TRP A 388 20.15 -3.30 -12.60
C TRP A 388 21.48 -3.31 -13.35
N PRO A 389 22.57 -3.70 -12.67
CA PRO A 389 23.85 -3.93 -13.33
C PRO A 389 23.72 -4.89 -14.51
N VAL A 390 24.26 -4.48 -15.65
CA VAL A 390 24.27 -5.31 -16.86
C VAL A 390 24.89 -6.70 -16.63
N HIS A 391 25.94 -6.78 -15.82
CA HIS A 391 26.62 -8.07 -15.60
C HIS A 391 25.70 -9.08 -14.89
N LEU A 392 24.78 -8.57 -14.08
CA LEU A 392 23.76 -9.41 -13.46
C LEU A 392 22.79 -9.98 -14.48
N LEU A 393 22.22 -9.10 -15.31
CA LEU A 393 21.27 -9.52 -16.34
C LEU A 393 21.94 -10.45 -17.33
N GLU A 394 23.21 -10.17 -17.61
CA GLU A 394 23.99 -10.96 -18.55
C GLU A 394 24.08 -12.41 -18.10
N THR A 395 24.35 -12.62 -16.81
CA THR A 395 24.48 -13.95 -16.24
C THR A 395 23.12 -14.60 -16.02
N LEU A 396 22.17 -13.84 -15.49
CA LEU A 396 20.89 -14.44 -15.07
C LEU A 396 19.92 -14.60 -16.23
N LEU A 397 19.85 -13.60 -17.10
CA LEU A 397 18.82 -13.53 -18.13
C LEU A 397 19.45 -13.04 -19.43
N PRO A 398 20.38 -13.84 -19.98
CA PRO A 398 21.16 -13.42 -21.14
C PRO A 398 20.31 -13.06 -22.35
N ARG A 399 19.22 -13.78 -22.58
CA ARG A 399 18.38 -13.49 -23.74
C ARG A 399 17.64 -12.15 -23.55
N HIS A 400 17.20 -11.88 -22.32
CA HIS A 400 16.46 -10.65 -22.02
C HIS A 400 17.35 -9.42 -22.20
N LEU A 401 18.62 -9.53 -21.83
CA LEU A 401 19.54 -8.41 -22.04
C LEU A 401 19.69 -8.10 -23.55
N GLN A 402 19.78 -9.14 -24.38
CA GLN A 402 19.89 -8.95 -25.84
C GLN A 402 18.67 -8.21 -26.38
N ILE A 403 17.50 -8.61 -25.88
CA ILE A 403 16.25 -8.01 -26.28
C ILE A 403 16.17 -6.56 -25.82
N ILE A 404 16.64 -6.29 -24.60
CA ILE A 404 16.66 -4.92 -24.07
C ILE A 404 17.57 -4.01 -24.90
N TYR A 405 18.72 -4.54 -25.30
CA TYR A 405 19.66 -3.80 -26.17
C TYR A 405 18.99 -3.42 -27.49
N GLU A 406 18.31 -4.40 -28.09
CA GLU A 406 17.58 -4.20 -29.33
C GLU A 406 16.46 -3.17 -29.15
N ILE A 407 15.70 -3.29 -28.06
CA ILE A 407 14.68 -2.29 -27.77
C ILE A 407 15.34 -0.91 -27.68
N ASN A 408 16.46 -0.83 -27.00
CA ASN A 408 17.12 0.44 -26.79
C ASN A 408 17.54 1.09 -28.13
N GLN A 409 18.15 0.28 -28.99
CA GLN A 409 18.64 0.77 -30.27
C GLN A 409 17.51 1.30 -31.16
N ARG A 410 16.42 0.56 -31.24
CA ARG A 410 15.26 1.01 -32.03
C ARG A 410 14.58 2.22 -31.41
N PHE A 411 14.54 2.28 -30.09
CA PHE A 411 13.96 3.43 -29.39
C PHE A 411 14.79 4.71 -29.61
N LEU A 412 16.10 4.61 -29.50
CA LEU A 412 16.98 5.77 -29.67
C LEU A 412 17.01 6.23 -31.13
N ASN A 413 16.84 5.31 -32.07
CA ASN A 413 16.67 5.70 -33.48
C ASN A 413 15.45 6.60 -33.64
N ARG A 414 14.36 6.28 -32.93
CA ARG A 414 13.17 7.13 -32.96
C ARG A 414 13.43 8.50 -32.35
N VAL A 415 14.20 8.54 -31.27
CA VAL A 415 14.53 9.81 -30.60
C VAL A 415 15.40 10.67 -31.52
N ALA A 416 16.41 10.04 -32.13
CA ALA A 416 17.32 10.69 -33.06
C ALA A 416 16.58 11.32 -34.25
N ALA A 417 15.59 10.60 -34.79
CA ALA A 417 14.81 11.10 -35.91
C ALA A 417 13.89 12.26 -35.52
N ALA A 418 13.43 12.29 -34.27
CA ALA A 418 12.53 13.34 -33.79
C ALA A 418 13.30 14.56 -33.27
N PHE A 419 14.49 14.35 -32.72
CA PHE A 419 15.30 15.42 -32.17
C PHE A 419 16.71 15.31 -32.77
N PRO A 420 16.83 15.59 -34.07
CA PRO A 420 18.11 15.35 -34.75
C PRO A 420 19.19 16.25 -34.18
N GLY A 421 20.35 15.67 -33.91
CA GLY A 421 21.48 16.41 -33.36
C GLY A 421 21.54 16.47 -31.85
N ASP A 422 20.43 16.15 -31.19
CA ASP A 422 20.33 16.28 -29.74
C ASP A 422 20.96 15.07 -29.05
N VAL A 423 22.29 15.05 -29.01
CA VAL A 423 23.03 13.89 -28.52
C VAL A 423 22.91 13.71 -27.01
N ASP A 424 22.78 14.80 -26.25
CA ASP A 424 22.62 14.64 -24.82
C ASP A 424 21.25 14.03 -24.49
N ARG A 425 20.24 14.34 -25.29
CA ARG A 425 18.94 13.70 -25.13
C ARG A 425 19.09 12.18 -25.29
N LEU A 426 19.88 11.76 -26.28
CA LEU A 426 20.11 10.34 -26.55
C LEU A 426 20.67 9.62 -25.34
N ARG A 427 21.68 10.19 -24.69
CA ARG A 427 22.23 9.55 -23.51
C ARG A 427 21.29 9.67 -22.31
N ARG A 428 20.49 10.74 -22.25
CA ARG A 428 19.53 10.89 -21.16
C ARG A 428 18.38 9.89 -21.25
N MET A 429 17.99 9.54 -22.47
CA MET A 429 16.82 8.70 -22.66
C MET A 429 17.16 7.22 -22.79
N SER A 430 18.43 6.91 -23.04
CA SER A 430 18.87 5.54 -23.21
C SER A 430 18.40 4.63 -22.07
N LEU A 431 18.07 3.38 -22.40
CA LEU A 431 17.75 2.39 -21.38
C LEU A 431 19.03 1.96 -20.70
N VAL A 432 20.16 2.13 -21.38
CA VAL A 432 21.47 1.76 -20.85
C VAL A 432 22.14 3.00 -20.26
N GLU A 433 22.51 2.94 -18.99
CA GLU A 433 23.33 3.98 -18.36
C GLU A 433 24.79 3.57 -18.37
N GLU A 434 25.65 4.47 -18.85
CA GLU A 434 27.09 4.25 -18.82
C GLU A 434 27.65 4.68 -17.48
N GLY A 435 28.84 4.19 -17.14
CA GLY A 435 29.48 4.46 -15.86
C GLY A 435 30.46 3.36 -15.55
N ALA A 436 31.05 3.39 -14.35
CA ALA A 436 31.96 2.34 -13.92
C ALA A 436 31.30 0.97 -14.11
N VAL A 437 30.07 0.85 -13.64
CA VAL A 437 29.23 -0.30 -13.95
C VAL A 437 28.08 0.16 -14.83
N LYS A 438 27.94 -0.46 -15.99
CA LYS A 438 26.80 -0.19 -16.85
C LYS A 438 25.53 -0.75 -16.17
N ARG A 439 24.44 -0.02 -16.28
CA ARG A 439 23.17 -0.44 -15.70
C ARG A 439 22.06 -0.30 -16.71
N ILE A 440 20.95 -1.02 -16.49
CA ILE A 440 19.73 -0.82 -17.25
C ILE A 440 18.76 -0.02 -16.41
N ASN A 441 18.22 1.06 -16.98
CA ASN A 441 17.22 1.87 -16.29
C ASN A 441 15.83 1.30 -16.59
N MET A 442 15.23 0.67 -15.58
CA MET A 442 13.99 -0.08 -15.81
C MET A 442 12.79 0.82 -16.05
N ALA A 443 12.83 2.03 -15.50
CA ALA A 443 11.80 3.03 -15.77
C ALA A 443 11.79 3.40 -17.25
N HIS A 444 12.97 3.59 -17.82
CA HIS A 444 13.05 3.95 -19.24
C HIS A 444 12.51 2.81 -20.08
N LEU A 445 12.86 1.58 -19.72
CA LEU A 445 12.32 0.41 -20.39
C LEU A 445 10.80 0.40 -20.33
N CYS A 446 10.23 0.62 -19.15
CA CYS A 446 8.78 0.64 -18.98
C CYS A 446 8.07 1.65 -19.87
N ILE A 447 8.60 2.87 -19.92
CA ILE A 447 7.99 3.93 -20.72
C ILE A 447 8.03 3.53 -22.19
N ALA A 448 9.17 3.02 -22.63
CA ALA A 448 9.35 2.65 -24.04
C ALA A 448 8.37 1.56 -24.45
N GLY A 449 8.14 0.58 -23.58
CA GLY A 449 7.34 -0.59 -23.94
C GLY A 449 5.89 -0.58 -23.50
N SER A 450 5.39 0.58 -23.06
CA SER A 450 3.99 0.73 -22.59
C SER A 450 3.25 1.80 -23.41
N HIS A 451 1.96 1.58 -23.69
CA HIS A 451 1.13 2.57 -24.36
C HIS A 451 0.61 3.65 -23.41
N ALA A 452 0.74 3.44 -22.10
CA ALA A 452 0.34 4.47 -21.13
C ALA A 452 1.26 4.46 -19.91
N VAL A 453 1.50 5.65 -19.38
CA VAL A 453 2.32 5.85 -18.21
C VAL A 453 1.51 6.77 -17.33
N ASN A 454 1.32 6.41 -16.07
CA ASN A 454 0.63 7.28 -15.14
C ASN A 454 1.31 7.41 -13.80
N GLY A 455 1.12 8.59 -13.21
CA GLY A 455 1.43 8.85 -11.83
C GLY A 455 0.15 8.68 -11.04
N VAL A 456 0.24 8.89 -9.75
CA VAL A 456 -0.77 8.42 -8.82
C VAL A 456 -1.42 9.54 -8.02
N ALA A 457 -1.12 10.77 -8.42
CA ALA A 457 -1.79 11.97 -7.92
C ALA A 457 -1.44 13.10 -8.88
N ARG A 458 -2.31 14.09 -9.01
CA ARG A 458 -2.15 15.11 -10.06
C ARG A 458 -0.77 15.77 -10.01
N ILE A 459 -0.37 16.21 -8.83
CA ILE A 459 0.90 16.90 -8.68
C ILE A 459 2.09 16.00 -9.06
N HIS A 460 1.98 14.71 -8.73
CA HIS A 460 3.02 13.72 -9.03
C HIS A 460 3.09 13.47 -10.54
N SER A 461 1.93 13.33 -11.18
CA SER A 461 1.90 13.13 -12.62
C SER A 461 2.45 14.34 -13.37
N GLU A 462 2.20 15.55 -12.86
CA GLU A 462 2.81 16.76 -13.39
C GLU A 462 4.32 16.77 -13.17
N ILE A 463 4.76 16.34 -11.99
CA ILE A 463 6.19 16.21 -11.74
C ILE A 463 6.84 15.25 -12.75
N LEU A 464 6.14 14.18 -13.14
CA LEU A 464 6.65 13.24 -14.15
C LEU A 464 6.84 13.93 -15.50
N LYS A 465 5.85 14.71 -15.93
CA LYS A 465 5.92 15.38 -17.22
C LYS A 465 6.92 16.53 -17.24
N LYS A 466 7.08 17.22 -16.11
CA LYS A 466 7.90 18.42 -16.04
C LYS A 466 9.38 18.16 -15.76
N THR A 467 9.69 17.10 -15.01
CA THR A 467 11.07 16.86 -14.58
C THR A 467 11.58 15.46 -14.92
N ILE A 468 11.07 14.45 -14.22
CA ILE A 468 11.67 13.11 -14.23
C ILE A 468 11.61 12.44 -15.61
N PHE A 469 10.47 12.54 -16.28
CA PHE A 469 10.28 11.91 -17.58
C PHE A 469 10.03 12.95 -18.67
N LYS A 470 10.49 14.16 -18.44
CA LYS A 470 10.34 15.27 -19.39
C LYS A 470 10.68 14.87 -20.82
N ASP A 471 11.84 14.26 -21.01
CA ASP A 471 12.30 13.88 -22.33
C ASP A 471 11.30 12.97 -23.04
N PHE A 472 10.71 12.04 -22.27
CA PHE A 472 9.78 11.04 -22.79
C PHE A 472 8.42 11.65 -23.07
N TYR A 473 8.00 12.56 -22.20
CA TYR A 473 6.79 13.32 -22.42
C TYR A 473 6.85 14.14 -23.71
N GLU A 474 8.00 14.74 -23.98
CA GLU A 474 8.18 15.50 -25.24
C GLU A 474 8.14 14.60 -26.45
N LEU A 475 8.68 13.40 -26.34
CA LEU A 475 8.63 12.43 -27.43
C LEU A 475 7.23 11.86 -27.65
N GLU A 476 6.54 11.51 -26.56
CA GLU A 476 5.23 10.86 -26.64
C GLU A 476 4.26 11.38 -25.59
N PRO A 477 3.78 12.61 -25.77
CA PRO A 477 2.92 13.25 -24.77
C PRO A 477 1.61 12.50 -24.51
N HIS A 478 1.05 11.91 -25.55
CA HIS A 478 -0.20 11.13 -25.47
C HIS A 478 -0.13 9.97 -24.45
N LYS A 479 1.08 9.51 -24.17
CA LYS A 479 1.29 8.36 -23.30
C LYS A 479 1.04 8.67 -21.81
N PHE A 480 1.22 9.93 -21.42
CA PHE A 480 1.24 10.31 -20.02
C PHE A 480 -0.11 10.72 -19.45
N GLN A 481 -0.46 10.11 -18.32
CA GLN A 481 -1.77 10.31 -17.72
C GLN A 481 -1.63 10.46 -16.22
N ASN A 482 -2.74 10.82 -15.58
CA ASN A 482 -2.88 10.76 -14.15
C ASN A 482 -3.97 9.78 -13.76
N LYS A 483 -3.75 9.09 -12.65
CA LYS A 483 -4.77 8.30 -12.00
C LYS A 483 -4.57 8.46 -10.51
N THR A 484 -5.26 9.44 -9.94
CA THR A 484 -5.14 9.69 -8.54
C THR A 484 -5.60 8.45 -7.78
N ASN A 485 -4.82 8.09 -6.78
CA ASN A 485 -5.06 6.90 -5.99
C ASN A 485 -6.37 6.98 -5.22
N GLY A 486 -6.79 5.83 -4.73
CA GLY A 486 -7.96 5.74 -3.87
C GLY A 486 -7.80 4.62 -2.85
N ILE A 487 -8.77 4.53 -1.95
CA ILE A 487 -8.86 3.47 -0.96
C ILE A 487 -10.25 2.85 -1.10
N THR A 488 -10.39 1.58 -0.71
CA THR A 488 -11.70 0.94 -0.79
C THR A 488 -12.55 1.35 0.41
N PRO A 489 -13.77 1.85 0.16
CA PRO A 489 -14.65 2.23 1.26
C PRO A 489 -15.22 1.03 2.04
N ARG A 490 -15.11 -0.19 1.49
CA ARG A 490 -15.54 -1.37 2.21
C ARG A 490 -14.66 -1.60 3.43
N ARG A 491 -13.38 -1.92 3.20
CA ARG A 491 -12.45 -2.09 4.32
C ARG A 491 -12.32 -0.83 5.16
N TRP A 492 -12.22 0.32 4.52
CA TRP A 492 -11.77 1.53 5.20
C TRP A 492 -12.87 2.43 5.72
N LEU A 493 -14.12 1.99 5.61
CA LEU A 493 -15.21 2.65 6.35
C LEU A 493 -16.13 1.61 6.99
N VAL A 494 -16.83 0.85 6.17
CA VAL A 494 -17.82 -0.14 6.66
C VAL A 494 -17.19 -1.13 7.65
N LEU A 495 -16.07 -1.71 7.25
CA LEU A 495 -15.43 -2.74 8.03
C LEU A 495 -14.83 -2.19 9.32
N CYS A 496 -14.04 -1.14 9.21
CA CYS A 496 -13.29 -0.67 10.37
C CYS A 496 -14.05 0.38 11.18
N ASN A 497 -15.08 0.98 10.62
CA ASN A 497 -15.84 2.00 11.33
C ASN A 497 -17.34 1.79 11.13
N PRO A 498 -17.88 0.71 11.70
CA PRO A 498 -19.30 0.42 11.48
C PRO A 498 -20.23 1.50 12.05
N GLY A 499 -19.89 2.04 13.21
CA GLY A 499 -20.63 3.14 13.82
C GLY A 499 -20.82 4.34 12.88
N LEU A 500 -19.75 4.75 12.21
CA LEU A 500 -19.82 5.88 11.29
C LEU A 500 -20.61 5.50 10.05
N ALA A 501 -20.37 4.31 9.53
CA ALA A 501 -21.08 3.88 8.34
C ALA A 501 -22.59 3.87 8.60
N GLU A 502 -22.97 3.51 9.83
CA GLU A 502 -24.38 3.36 10.21
C GLU A 502 -25.10 4.70 10.29
N ILE A 503 -24.54 5.64 11.05
CA ILE A 503 -25.14 6.98 11.18
C ILE A 503 -25.22 7.68 9.83
N ILE A 504 -24.29 7.38 8.92
CA ILE A 504 -24.38 7.93 7.57
C ILE A 504 -25.51 7.27 6.80
N ALA A 505 -25.62 5.96 6.92
CA ALA A 505 -26.63 5.20 6.21
C ALA A 505 -28.05 5.60 6.69
N GLU A 506 -28.18 5.94 7.97
CA GLU A 506 -29.45 6.40 8.52
C GLU A 506 -29.98 7.61 7.75
N ARG A 507 -29.07 8.50 7.35
CA ARG A 507 -29.46 9.72 6.64
C ARG A 507 -29.61 9.52 5.15
N ILE A 508 -28.66 8.83 4.52
CA ILE A 508 -28.63 8.79 3.06
C ILE A 508 -28.72 7.40 2.43
N GLY A 509 -28.94 6.38 3.25
CA GLY A 509 -29.08 5.01 2.73
C GLY A 509 -27.72 4.37 2.54
N GLU A 510 -27.73 3.17 1.95
CA GLU A 510 -26.56 2.31 1.87
C GLU A 510 -25.80 2.39 0.55
N GLU A 511 -26.36 3.11 -0.43
CA GLU A 511 -25.83 3.09 -1.78
C GLU A 511 -24.44 3.70 -1.92
N TYR A 512 -24.07 4.55 -0.96
CA TYR A 512 -22.79 5.23 -1.01
C TYR A 512 -21.61 4.26 -0.91
N ILE A 513 -21.84 3.10 -0.29
CA ILE A 513 -20.76 2.14 -0.05
C ILE A 513 -20.09 1.70 -1.34
N SER A 514 -20.84 1.68 -2.45
CA SER A 514 -20.25 1.43 -3.77
C SER A 514 -20.48 2.61 -4.73
N ASP A 515 -20.70 3.79 -4.17
CA ASP A 515 -20.80 5.02 -4.93
C ASP A 515 -20.53 6.15 -3.97
N LEU A 516 -19.24 6.29 -3.63
CA LEU A 516 -18.85 7.13 -2.49
C LEU A 516 -19.09 8.62 -2.70
N ASP A 517 -19.31 9.04 -3.95
CA ASP A 517 -19.63 10.44 -4.24
C ASP A 517 -20.90 10.89 -3.54
N GLN A 518 -21.81 9.95 -3.33
CA GLN A 518 -23.05 10.22 -2.60
C GLN A 518 -22.85 10.85 -1.22
N LEU A 519 -21.67 10.66 -0.62
CA LEU A 519 -21.36 11.32 0.66
C LEU A 519 -21.49 12.84 0.60
N ARG A 520 -21.44 13.43 -0.59
CA ARG A 520 -21.71 14.86 -0.75
C ARG A 520 -23.06 15.26 -0.12
N LYS A 521 -24.04 14.36 -0.19
CA LYS A 521 -25.34 14.60 0.44
C LYS A 521 -25.24 14.96 1.92
N LEU A 522 -24.14 14.57 2.57
CA LEU A 522 -23.94 14.92 3.98
C LEU A 522 -23.69 16.41 4.23
N LEU A 523 -23.38 17.18 3.19
CA LEU A 523 -23.20 18.62 3.36
C LEU A 523 -24.49 19.31 3.83
N SER A 524 -25.64 18.78 3.41
CA SER A 524 -26.92 19.32 3.83
C SER A 524 -27.27 18.97 5.28
N TYR A 525 -26.35 18.30 5.98
CA TYR A 525 -26.52 17.99 7.40
C TYR A 525 -25.49 18.68 8.29
N VAL A 526 -24.68 19.55 7.69
CA VAL A 526 -23.60 20.24 8.41
C VAL A 526 -24.12 21.17 9.52
N ASP A 527 -25.36 21.65 9.38
CA ASP A 527 -26.02 22.43 10.43
C ASP A 527 -27.09 21.63 11.18
N ASP A 528 -27.08 20.31 11.03
CA ASP A 528 -28.04 19.44 11.72
C ASP A 528 -27.46 19.02 13.06
N GLU A 529 -28.14 19.39 14.14
CA GLU A 529 -27.62 19.20 15.48
C GLU A 529 -27.55 17.73 15.90
N ALA A 530 -28.50 16.91 15.44
CA ALA A 530 -28.49 15.50 15.78
C ALA A 530 -27.29 14.82 15.12
N PHE A 531 -27.04 15.17 13.85
CA PHE A 531 -25.92 14.60 13.10
C PHE A 531 -24.56 14.97 13.70
N ILE A 532 -24.39 16.25 14.01
CA ILE A 532 -23.17 16.72 14.67
C ILE A 532 -22.91 15.93 15.95
N ARG A 533 -23.98 15.70 16.71
CA ARG A 533 -23.90 14.92 17.94
C ARG A 533 -23.51 13.46 17.65
N ASP A 534 -24.11 12.88 16.63
CA ASP A 534 -23.81 11.50 16.23
C ASP A 534 -22.37 11.34 15.75
N VAL A 535 -21.91 12.24 14.89
CA VAL A 535 -20.52 12.20 14.39
C VAL A 535 -19.55 12.21 15.57
N ALA A 536 -19.73 13.17 16.47
CA ALA A 536 -18.84 13.32 17.62
C ALA A 536 -18.95 12.15 18.59
N LYS A 537 -20.12 11.53 18.66
CA LYS A 537 -20.33 10.35 19.51
C LYS A 537 -19.59 9.12 18.94
N VAL A 538 -19.74 8.88 17.65
CA VAL A 538 -19.00 7.80 16.98
C VAL A 538 -17.49 7.91 17.21
N LYS A 539 -16.94 9.11 17.03
CA LYS A 539 -15.52 9.36 17.26
C LYS A 539 -15.12 9.04 18.69
N GLN A 540 -15.85 9.61 19.64
CA GLN A 540 -15.57 9.39 21.07
C GLN A 540 -15.59 7.90 21.43
N GLU A 541 -16.56 7.18 20.90
CA GLU A 541 -16.64 5.72 21.09
C GLU A 541 -15.42 5.00 20.47
N ASN A 542 -15.02 5.43 19.28
CA ASN A 542 -13.81 4.86 18.65
C ASN A 542 -12.58 5.09 19.49
N LYS A 543 -12.48 6.28 20.08
CA LYS A 543 -11.33 6.63 20.92
C LYS A 543 -11.29 5.82 22.23
N LEU A 544 -12.45 5.64 22.85
CA LEU A 544 -12.58 4.82 24.05
C LEU A 544 -12.19 3.38 23.75
N LYS A 545 -12.73 2.85 22.65
CA LYS A 545 -12.41 1.50 22.21
C LYS A 545 -10.91 1.34 21.99
N PHE A 546 -10.29 2.31 21.33
CA PHE A 546 -8.85 2.22 21.05
C PHE A 546 -8.00 2.44 22.30
N ALA A 547 -8.46 3.32 23.19
CA ALA A 547 -7.79 3.53 24.48
C ALA A 547 -7.80 2.25 25.32
N ALA A 548 -8.89 1.49 25.22
CA ALA A 548 -9.02 0.20 25.91
C ALA A 548 -8.06 -0.82 25.32
N TYR A 549 -7.98 -0.88 24.00
CA TYR A 549 -7.04 -1.77 23.31
C TYR A 549 -5.62 -1.53 23.79
N LEU A 550 -5.25 -0.26 23.89
CA LEU A 550 -3.93 0.12 24.40
C LEU A 550 -3.67 -0.44 25.80
N GLU A 551 -4.58 -0.20 26.75
CA GLU A 551 -4.43 -0.74 28.09
C GLU A 551 -4.41 -2.26 28.10
N ARG A 552 -5.38 -2.88 27.45
CA ARG A 552 -5.50 -4.33 27.45
C ARG A 552 -4.29 -5.02 26.81
N GLU A 553 -4.09 -4.78 25.52
CA GLU A 553 -3.11 -5.54 24.73
C GLU A 553 -1.69 -4.96 24.80
N TYR A 554 -1.51 -3.79 25.42
CA TYR A 554 -0.19 -3.16 25.56
C TYR A 554 0.07 -2.43 26.89
N LYS A 555 -0.82 -2.58 27.87
CA LYS A 555 -0.57 -2.13 29.26
C LYS A 555 -0.06 -0.66 29.36
N VAL A 556 -0.80 0.27 28.76
CA VAL A 556 -0.46 1.69 28.82
C VAL A 556 -1.74 2.54 28.88
N HIS A 557 -1.73 3.58 29.71
CA HIS A 557 -2.92 4.42 29.93
C HIS A 557 -2.87 5.77 29.18
N ILE A 558 -3.99 6.15 28.57
CA ILE A 558 -4.10 7.43 27.87
C ILE A 558 -5.42 8.14 28.19
N ASN A 559 -5.39 9.47 28.10
CA ASN A 559 -6.59 10.28 28.29
C ASN A 559 -7.45 10.26 27.02
N PRO A 560 -8.66 9.65 27.09
CA PRO A 560 -9.48 9.57 25.88
C PRO A 560 -10.16 10.89 25.49
N ASN A 561 -10.08 11.91 26.35
CA ASN A 561 -10.56 13.25 26.00
C ASN A 561 -9.51 14.13 25.34
N SER A 562 -8.27 13.63 25.25
CA SER A 562 -7.21 14.35 24.55
C SER A 562 -7.44 14.29 23.04
N LEU A 563 -6.83 15.22 22.32
CA LEU A 563 -6.84 15.19 20.87
C LEU A 563 -5.90 14.04 20.45
N PHE A 564 -6.41 13.12 19.64
CA PHE A 564 -5.61 11.99 19.15
C PHE A 564 -4.86 12.41 17.89
N ASP A 565 -3.58 12.70 18.08
CA ASP A 565 -2.71 13.24 17.05
C ASP A 565 -1.87 12.05 16.52
N VAL A 566 -2.17 11.62 15.30
CA VAL A 566 -1.69 10.33 14.77
C VAL A 566 -0.87 10.46 13.49
N GLN A 567 0.33 9.88 13.51
CA GLN A 567 1.15 9.74 12.31
C GLN A 567 1.58 8.27 12.17
N VAL A 568 0.89 7.55 11.29
CA VAL A 568 1.17 6.15 11.06
C VAL A 568 1.46 5.94 9.58
N LYS A 569 2.65 5.41 9.33
CA LYS A 569 3.15 5.14 7.98
C LYS A 569 4.56 4.61 8.17
N ARG A 570 5.18 4.13 7.10
CA ARG A 570 6.55 3.65 7.20
C ARG A 570 7.47 4.78 7.67
N ILE A 571 8.48 4.42 8.45
CA ILE A 571 9.46 5.39 8.92
C ILE A 571 10.43 5.72 7.79
N HIS A 572 10.46 6.98 7.38
CA HIS A 572 11.36 7.44 6.32
C HIS A 572 11.63 8.91 6.57
N GLU A 573 12.85 9.36 6.23
CA GLU A 573 13.18 10.78 6.34
C GLU A 573 12.20 11.68 5.57
N TYR A 574 11.75 11.24 4.40
CA TYR A 574 10.90 12.09 3.57
C TYR A 574 9.51 12.31 4.17
N LYS A 575 9.06 11.36 4.99
CA LYS A 575 7.76 11.45 5.65
C LYS A 575 7.85 12.33 6.91
N ARG A 576 9.07 12.68 7.29
CA ARG A 576 9.36 13.68 8.30
C ARG A 576 8.67 13.47 9.66
N GLN A 577 8.69 12.21 10.11
CA GLN A 577 8.39 11.91 11.51
C GLN A 577 9.22 12.81 12.44
N LEU A 578 10.43 13.19 12.01
CA LEU A 578 11.28 14.08 12.81
C LEU A 578 10.69 15.47 13.00
N LEU A 579 9.98 15.97 11.99
CA LEU A 579 9.33 17.26 12.10
C LEU A 579 8.25 17.17 13.19
N ASN A 580 7.51 16.07 13.20
CA ASN A 580 6.50 15.81 14.24
C ASN A 580 7.19 15.77 15.60
N CYS A 581 8.32 15.09 15.69
CA CYS A 581 9.11 15.04 16.93
C CYS A 581 9.50 16.42 17.45
N LEU A 582 9.91 17.30 16.54
CA LEU A 582 10.28 18.65 16.92
C LEU A 582 9.09 19.37 17.53
N HIS A 583 7.93 19.22 16.92
CA HIS A 583 6.72 19.82 17.46
C HIS A 583 6.41 19.30 18.87
N VAL A 584 6.48 17.99 19.04
CA VAL A 584 6.22 17.36 20.33
C VAL A 584 7.15 17.93 21.40
N ILE A 585 8.42 18.10 21.06
CA ILE A 585 9.39 18.64 22.01
C ILE A 585 9.08 20.10 22.33
N THR A 586 8.58 20.83 21.33
CA THR A 586 8.18 22.22 21.48
C THR A 586 7.02 22.36 22.47
N LEU A 587 6.00 21.52 22.32
CA LEU A 587 4.87 21.53 23.26
C LEU A 587 5.36 21.23 24.67
N TYR A 588 6.27 20.26 24.77
CA TYR A 588 6.83 19.86 26.05
C TYR A 588 7.59 21.02 26.73
N ASN A 589 8.44 21.69 25.97
CA ASN A 589 9.22 22.82 26.50
C ASN A 589 8.32 24.00 26.89
N ARG A 590 7.27 24.25 26.11
CA ARG A 590 6.30 25.30 26.44
C ARG A 590 5.58 25.02 27.76
N ILE A 591 5.12 23.78 27.92
CA ILE A 591 4.47 23.37 29.16
C ILE A 591 5.44 23.56 30.34
N LYS A 592 6.68 23.10 30.20
CA LYS A 592 7.67 23.25 31.26
C LYS A 592 7.99 24.70 31.59
N LYS A 593 7.93 25.57 30.58
CA LYS A 593 8.21 26.99 30.76
C LYS A 593 7.05 27.70 31.48
N GLU A 594 5.82 27.28 31.19
CA GLU A 594 4.62 27.84 31.81
C GLU A 594 3.68 26.71 32.24
N PRO A 595 4.03 26.00 33.32
CA PRO A 595 3.28 24.79 33.70
C PRO A 595 1.80 25.01 33.96
N ASN A 596 1.44 26.19 34.47
CA ASN A 596 0.09 26.43 34.96
C ASN A 596 -0.84 27.08 33.94
N LYS A 597 -0.38 27.23 32.70
CA LYS A 597 -1.23 27.70 31.61
C LYS A 597 -2.00 26.52 31.02
N PHE A 598 -3.20 26.78 30.51
CA PHE A 598 -3.96 25.74 29.85
C PHE A 598 -3.37 25.44 28.47
N VAL A 599 -3.36 24.16 28.11
CA VAL A 599 -3.07 23.72 26.74
C VAL A 599 -4.03 22.58 26.40
N VAL A 600 -4.43 22.49 25.14
CA VAL A 600 -5.31 21.41 24.72
C VAL A 600 -4.56 20.10 24.87
N PRO A 601 -5.09 19.17 25.69
CA PRO A 601 -4.37 17.92 25.91
C PRO A 601 -4.23 17.14 24.62
N ARG A 602 -3.10 16.46 24.45
CA ARG A 602 -2.89 15.64 23.25
C ARG A 602 -2.32 14.31 23.61
N THR A 603 -2.79 13.28 22.90
CA THR A 603 -2.09 12.03 22.82
C THR A 603 -1.47 11.98 21.43
N VAL A 604 -0.14 12.03 21.38
CA VAL A 604 0.60 11.98 20.13
C VAL A 604 1.03 10.53 19.86
N MET A 605 0.48 9.96 18.79
CA MET A 605 0.76 8.58 18.41
C MET A 605 1.52 8.54 17.10
N ILE A 606 2.65 7.84 17.12
CA ILE A 606 3.46 7.64 15.95
C ILE A 606 3.77 6.16 15.83
N GLY A 607 3.48 5.59 14.67
CA GLY A 607 3.82 4.20 14.44
C GLY A 607 4.34 3.99 13.04
N GLY A 608 5.09 2.90 12.88
CA GLY A 608 5.56 2.50 11.56
C GLY A 608 6.83 1.71 11.64
N LYS A 609 7.09 0.96 10.58
CA LYS A 609 8.27 0.12 10.51
C LYS A 609 9.39 0.81 9.74
N ALA A 610 10.62 0.58 10.21
CA ALA A 610 11.82 0.98 9.48
C ALA A 610 12.39 -0.22 8.75
N ALA A 611 12.88 -0.02 7.54
CA ALA A 611 13.61 -1.08 6.83
C ALA A 611 14.83 -1.47 7.70
N PRO A 612 15.12 -2.78 7.81
CA PRO A 612 16.18 -3.28 8.69
C PRO A 612 17.56 -2.62 8.57
N GLY A 613 17.98 -2.26 7.36
CA GLY A 613 19.30 -1.62 7.17
C GLY A 613 19.29 -0.10 7.10
N TYR A 614 18.14 0.53 7.35
CA TYR A 614 17.99 1.97 7.28
C TYR A 614 18.27 2.55 8.67
N HIS A 615 19.54 2.81 8.93
CA HIS A 615 20.01 3.21 10.24
C HIS A 615 19.33 4.48 10.77
N MET A 616 19.23 5.50 9.93
CA MET A 616 18.59 6.75 10.32
C MET A 616 17.11 6.54 10.72
N ALA A 617 16.41 5.66 10.02
CA ALA A 617 15.03 5.37 10.33
C ALA A 617 14.93 4.69 11.69
N LYS A 618 15.88 3.82 11.99
CA LYS A 618 15.93 3.15 13.29
C LYS A 618 16.23 4.12 14.44
N MET A 619 17.08 5.12 14.18
CA MET A 619 17.37 6.18 15.16
C MET A 619 16.15 7.05 15.44
N ILE A 620 15.34 7.30 14.42
CA ILE A 620 14.13 8.08 14.56
C ILE A 620 13.12 7.38 15.49
N ILE A 621 12.96 6.07 15.32
CA ILE A 621 12.12 5.28 16.21
C ILE A 621 12.63 5.42 17.65
N LYS A 622 13.94 5.27 17.82
CA LYS A 622 14.54 5.33 19.14
C LYS A 622 14.34 6.71 19.75
N LEU A 623 14.44 7.76 18.93
CA LEU A 623 14.19 9.12 19.40
C LEU A 623 12.75 9.29 19.89
N ILE A 624 11.79 8.72 19.16
CA ILE A 624 10.38 8.85 19.53
C ILE A 624 10.13 8.20 20.89
N THR A 625 10.65 7.00 21.08
CA THR A 625 10.48 6.29 22.34
C THR A 625 11.21 7.04 23.46
N ALA A 626 12.36 7.64 23.14
CA ALA A 626 13.13 8.40 24.12
C ALA A 626 12.39 9.66 24.57
N ILE A 627 11.74 10.34 23.64
CA ILE A 627 10.92 11.50 23.95
C ILE A 627 9.75 11.07 24.85
N GLY A 628 9.12 9.95 24.49
CA GLY A 628 8.10 9.33 25.31
C GLY A 628 8.56 9.03 26.73
N ASP A 629 9.77 8.48 26.88
CA ASP A 629 10.32 8.21 28.20
C ASP A 629 10.38 9.46 29.08
N VAL A 630 10.74 10.60 28.49
CA VAL A 630 10.83 11.85 29.24
C VAL A 630 9.46 12.46 29.48
N VAL A 631 8.67 12.59 28.42
CA VAL A 631 7.40 13.29 28.48
C VAL A 631 6.36 12.57 29.33
N ASN A 632 6.23 11.26 29.14
CA ASN A 632 5.18 10.48 29.78
C ASN A 632 5.39 10.28 31.29
N HIS A 633 6.58 10.59 31.79
CA HIS A 633 6.88 10.41 33.20
C HIS A 633 7.15 11.73 33.95
N ASP A 634 6.99 12.86 33.26
CA ASP A 634 7.21 14.16 33.89
C ASP A 634 5.92 14.55 34.62
N PRO A 635 5.98 14.62 35.97
CA PRO A 635 4.78 14.90 36.78
C PRO A 635 4.11 16.23 36.43
N VAL A 636 4.92 17.22 36.05
CA VAL A 636 4.39 18.54 35.71
C VAL A 636 3.51 18.50 34.46
N VAL A 637 3.83 17.60 33.53
CA VAL A 637 3.08 17.49 32.27
C VAL A 637 1.71 16.89 32.51
N GLY A 638 1.64 15.89 33.38
CA GLY A 638 0.36 15.26 33.73
C GLY A 638 -0.14 14.39 32.60
N ASP A 639 -1.45 14.42 32.36
CA ASP A 639 -2.02 13.76 31.19
C ASP A 639 -2.36 14.78 30.09
N ARG A 640 -1.63 15.89 30.06
CA ARG A 640 -1.82 16.92 29.04
C ARG A 640 -1.07 16.62 27.74
N LEU A 641 0.02 15.86 27.83
CA LEU A 641 0.75 15.44 26.64
C LEU A 641 1.26 14.03 26.86
N ARG A 642 0.91 13.14 25.94
CA ARG A 642 1.39 11.77 25.94
C ARG A 642 1.97 11.44 24.57
N VAL A 643 3.09 10.72 24.56
CA VAL A 643 3.76 10.31 23.33
C VAL A 643 3.90 8.80 23.31
N ILE A 644 3.17 8.15 22.41
CA ILE A 644 3.18 6.70 22.30
C ILE A 644 3.69 6.29 20.91
N PHE A 645 4.65 5.37 20.89
CA PHE A 645 5.03 4.72 19.66
C PHE A 645 4.19 3.47 19.49
N LEU A 646 3.37 3.44 18.44
CA LEU A 646 2.54 2.28 18.14
C LEU A 646 3.35 1.17 17.48
N GLU A 647 3.55 0.09 18.20
CA GLU A 647 4.35 -1.04 17.77
C GLU A 647 3.64 -1.83 16.68
N ASN A 648 4.43 -2.33 15.73
CA ASN A 648 3.99 -3.27 14.71
C ASN A 648 2.83 -2.77 13.85
N TYR A 649 2.94 -1.52 13.42
CA TYR A 649 1.94 -0.94 12.56
C TYR A 649 1.80 -1.79 11.31
N ARG A 650 0.54 -2.10 10.99
CA ARG A 650 0.18 -3.04 9.94
C ARG A 650 -1.30 -2.80 9.62
N VAL A 651 -1.84 -3.49 8.64
CA VAL A 651 -3.20 -3.20 8.18
C VAL A 651 -4.25 -3.38 9.31
N SER A 652 -4.13 -4.45 10.09
CA SER A 652 -5.09 -4.70 11.16
C SER A 652 -5.03 -3.61 12.24
N LEU A 653 -3.86 -3.04 12.48
CA LEU A 653 -3.72 -1.96 13.44
C LEU A 653 -4.24 -0.63 12.87
N ALA A 654 -4.04 -0.41 11.58
CA ALA A 654 -4.58 0.76 10.91
C ALA A 654 -6.13 0.78 11.02
N GLU A 655 -6.74 -0.38 10.93
CA GLU A 655 -8.20 -0.49 11.04
C GLU A 655 -8.73 -0.09 12.41
N LYS A 656 -7.88 -0.19 13.43
CA LYS A 656 -8.24 0.23 14.79
C LYS A 656 -7.92 1.69 15.08
N VAL A 657 -6.71 2.14 14.72
CA VAL A 657 -6.26 3.48 15.09
C VAL A 657 -6.85 4.58 14.21
N ILE A 658 -7.06 4.31 12.93
CA ILE A 658 -7.54 5.36 12.04
C ILE A 658 -8.94 5.85 12.45
N PRO A 659 -9.89 4.94 12.74
CA PRO A 659 -11.19 5.44 13.22
C PRO A 659 -11.14 6.21 14.53
N ALA A 660 -10.10 6.00 15.34
CA ALA A 660 -9.94 6.74 16.60
C ALA A 660 -9.22 8.08 16.49
N ALA A 661 -8.73 8.45 15.31
CA ALA A 661 -7.88 9.63 15.19
C ALA A 661 -8.68 10.92 15.05
N ASP A 662 -8.20 11.99 15.68
CA ASP A 662 -8.72 13.35 15.47
C ASP A 662 -7.89 14.13 14.45
N LEU A 663 -6.57 14.01 14.56
CA LEU A 663 -5.65 14.71 13.66
C LEU A 663 -4.77 13.72 12.87
N SER A 664 -4.78 13.88 11.55
CA SER A 664 -4.00 13.07 10.60
C SER A 664 -2.74 13.83 10.13
N GLU A 665 -1.57 13.30 10.46
CA GLU A 665 -0.30 13.95 10.10
C GLU A 665 0.20 13.48 8.72
N GLN A 666 0.19 14.40 7.77
CA GLN A 666 0.59 14.11 6.38
C GLN A 666 1.58 15.20 5.96
N ILE A 667 2.80 15.08 6.44
CA ILE A 667 3.73 16.21 6.55
C ILE A 667 5.05 15.95 5.80
N SER A 668 4.95 15.19 4.72
CA SER A 668 6.10 14.94 3.86
C SER A 668 6.54 16.24 3.17
N THR A 669 7.84 16.34 2.87
CA THR A 669 8.34 17.49 2.13
C THR A 669 7.67 17.52 0.78
N ALA A 670 7.17 18.68 0.38
CA ALA A 670 6.49 18.85 -0.88
C ALA A 670 7.33 18.26 -2.00
N GLY A 671 6.72 17.41 -2.84
CA GLY A 671 7.39 16.76 -3.95
C GLY A 671 7.84 15.32 -3.75
N THR A 672 7.70 14.80 -2.53
CA THR A 672 8.29 13.50 -2.21
C THR A 672 7.28 12.35 -2.07
N GLU A 673 6.11 12.61 -1.48
CA GLU A 673 5.06 11.59 -1.36
C GLU A 673 4.24 11.58 -2.65
N ALA A 674 4.41 10.56 -3.50
CA ALA A 674 3.74 10.56 -4.80
C ALA A 674 2.25 10.78 -4.65
N SER A 675 1.63 10.06 -3.72
CA SER A 675 0.22 10.26 -3.42
C SER A 675 -0.02 10.23 -1.93
N GLY A 676 0.34 9.13 -1.29
CA GLY A 676 -0.16 8.80 0.02
C GLY A 676 -1.54 8.18 -0.12
N THR A 677 -1.88 7.27 0.79
CA THR A 677 -3.23 6.71 0.86
C THR A 677 -3.76 6.69 2.29
N GLY A 678 -2.86 6.67 3.26
CA GLY A 678 -3.26 6.80 4.65
C GLY A 678 -4.05 8.07 4.81
N ASN A 679 -3.57 9.14 4.16
CA ASN A 679 -4.25 10.44 4.20
C ASN A 679 -5.76 10.28 3.92
N MET A 680 -6.09 9.53 2.89
CA MET A 680 -7.47 9.32 2.48
C MET A 680 -8.26 8.55 3.54
N LYS A 681 -7.64 7.51 4.11
CA LYS A 681 -8.28 6.69 5.15
C LYS A 681 -8.73 7.55 6.31
N PHE A 682 -7.86 8.43 6.76
CA PHE A 682 -8.16 9.36 7.85
C PHE A 682 -9.28 10.33 7.55
N MET A 683 -9.29 10.84 6.33
CA MET A 683 -10.30 11.77 5.90
C MET A 683 -11.69 11.13 5.91
N LEU A 684 -11.74 9.88 5.47
CA LEU A 684 -12.99 9.13 5.40
C LEU A 684 -13.54 8.78 6.79
N ASN A 685 -12.67 8.78 7.79
CA ASN A 685 -13.00 8.30 9.14
C ASN A 685 -13.08 9.39 10.20
N GLY A 686 -13.11 10.65 9.78
CA GLY A 686 -13.49 11.75 10.67
C GLY A 686 -12.34 12.40 11.42
N ALA A 687 -11.14 12.32 10.85
CA ALA A 687 -10.01 13.05 11.38
C ALA A 687 -9.83 14.26 10.50
N LEU A 688 -9.30 15.33 11.08
CA LEU A 688 -8.89 16.49 10.29
C LEU A 688 -7.43 16.31 9.93
N THR A 689 -7.03 16.90 8.81
CA THR A 689 -5.69 16.72 8.27
C THR A 689 -4.80 17.95 8.45
N ILE A 690 -3.62 17.74 9.01
CA ILE A 690 -2.56 18.73 8.95
C ILE A 690 -1.52 18.20 7.97
N GLY A 691 -1.26 18.96 6.92
CA GLY A 691 -0.40 18.47 5.89
C GLY A 691 0.16 19.53 4.96
N THR A 692 1.21 19.12 4.26
CA THR A 692 1.85 19.91 3.22
C THR A 692 1.08 19.71 1.92
N MET A 693 1.30 20.59 0.96
CA MET A 693 0.71 20.44 -0.36
C MET A 693 1.55 19.45 -1.15
N ASP A 694 1.39 18.19 -0.81
CA ASP A 694 2.14 17.10 -1.40
C ASP A 694 1.21 15.98 -1.77
N GLY A 695 1.53 15.25 -2.83
CA GLY A 695 0.74 14.11 -3.26
C GLY A 695 -0.75 14.41 -3.32
N ALA A 696 -1.55 13.48 -2.82
CA ALA A 696 -2.99 13.60 -2.93
C ALA A 696 -3.57 14.63 -1.95
N ASN A 697 -2.78 15.04 -0.94
CA ASN A 697 -3.18 16.14 -0.03
C ASN A 697 -3.72 17.35 -0.78
N VAL A 698 -3.07 17.68 -1.89
CA VAL A 698 -3.50 18.81 -2.73
C VAL A 698 -4.95 18.64 -3.18
N GLU A 699 -5.27 17.44 -3.64
CA GLU A 699 -6.60 17.16 -4.17
C GLU A 699 -7.60 17.02 -3.03
N MET A 700 -7.14 16.56 -1.87
CA MET A 700 -8.02 16.45 -0.70
C MET A 700 -8.46 17.84 -0.23
N ALA A 701 -7.49 18.76 -0.15
CA ALA A 701 -7.74 20.16 0.21
C ALA A 701 -8.66 20.82 -0.81
N GLU A 702 -8.44 20.51 -2.07
CA GLU A 702 -9.26 21.03 -3.15
C GLU A 702 -10.70 20.55 -3.04
N GLU A 703 -10.90 19.27 -2.72
CA GLU A 703 -12.25 18.73 -2.58
C GLU A 703 -12.98 19.29 -1.35
N ALA A 704 -12.30 19.33 -0.20
CA ALA A 704 -12.94 19.76 1.04
C ALA A 704 -13.03 21.29 1.20
N GLY A 705 -12.21 22.01 0.44
CA GLY A 705 -12.00 23.43 0.62
C GLY A 705 -10.82 23.65 1.55
N GLU A 706 -9.93 24.56 1.16
CA GLU A 706 -8.71 24.83 1.95
C GLU A 706 -9.00 25.35 3.36
N GLU A 707 -10.16 25.97 3.53
CA GLU A 707 -10.66 26.43 4.84
C GLU A 707 -10.83 25.25 5.81
N ASN A 708 -11.06 24.07 5.25
CA ASN A 708 -11.37 22.88 6.05
C ASN A 708 -10.22 21.91 6.14
N PHE A 709 -9.01 22.44 5.99
CA PHE A 709 -7.80 21.65 5.90
C PHE A 709 -6.68 22.47 6.54
N PHE A 710 -5.84 21.84 7.35
CA PHE A 710 -4.74 22.56 7.99
C PHE A 710 -3.49 22.44 7.13
N ILE A 711 -3.41 23.29 6.12
CA ILE A 711 -2.32 23.31 5.17
C ILE A 711 -1.20 24.19 5.70
N PHE A 712 0.04 23.77 5.50
CA PHE A 712 1.20 24.55 5.90
C PHE A 712 2.40 24.20 5.04
N GLY A 713 3.41 25.07 5.09
CA GLY A 713 4.73 24.72 4.63
C GLY A 713 4.99 25.06 3.18
N MET A 714 6.21 24.76 2.76
CA MET A 714 6.64 24.99 1.39
C MET A 714 5.79 24.22 0.40
N ARG A 715 5.44 24.88 -0.70
CA ARG A 715 4.95 24.20 -1.89
C ARG A 715 6.17 23.67 -2.63
N VAL A 716 5.94 22.83 -3.64
CA VAL A 716 7.02 22.29 -4.49
C VAL A 716 7.91 23.42 -5.03
N GLU A 717 7.28 24.51 -5.48
CA GLU A 717 7.99 25.66 -6.05
C GLU A 717 8.96 26.28 -5.04
N ASP A 718 8.53 26.35 -3.78
CA ASP A 718 9.37 26.89 -2.71
C ASP A 718 10.56 25.99 -2.44
N VAL A 719 10.34 24.69 -2.49
CA VAL A 719 11.42 23.72 -2.29
C VAL A 719 12.49 23.94 -3.35
N ASP A 720 12.06 24.06 -4.61
CA ASP A 720 12.96 24.31 -5.75
C ASP A 720 13.75 25.61 -5.60
N ARG A 721 13.06 26.69 -5.22
CA ARG A 721 13.72 27.99 -4.99
C ARG A 721 14.80 27.86 -3.94
N LEU A 722 14.50 27.14 -2.87
CA LEU A 722 15.43 26.96 -1.77
C LEU A 722 16.64 26.11 -2.17
N ASP A 723 16.42 25.13 -3.06
CA ASP A 723 17.52 24.27 -3.55
C ASP A 723 18.48 25.05 -4.43
N GLN A 724 17.94 25.91 -5.30
CA GLN A 724 18.75 26.79 -6.15
C GLN A 724 19.66 27.68 -5.33
N ARG A 725 19.11 28.23 -4.25
CA ARG A 725 19.82 29.12 -3.36
C ARG A 725 20.78 28.35 -2.44
N GLY A 726 20.45 27.09 -2.17
CA GLY A 726 21.18 26.27 -1.23
C GLY A 726 20.47 26.25 0.12
N TYR A 727 20.08 25.07 0.58
CA TYR A 727 19.44 24.94 1.89
C TYR A 727 20.50 25.02 2.98
N ASN A 728 20.39 26.03 3.84
CA ASN A 728 21.24 26.19 5.01
C ASN A 728 20.42 26.08 6.30
N ALA A 729 20.47 24.90 6.92
CA ALA A 729 19.73 24.66 8.17
C ALA A 729 20.14 25.60 9.29
N GLN A 730 21.44 25.92 9.32
CA GLN A 730 22.03 26.81 10.32
C GLN A 730 21.25 28.12 10.46
N GLU A 731 20.84 28.67 9.33
CA GLU A 731 20.07 29.89 9.29
C GLU A 731 18.82 29.80 10.18
N TYR A 732 18.16 28.65 10.18
CA TYR A 732 16.94 28.48 10.97
C TYR A 732 17.28 28.32 12.45
N TYR A 733 18.32 27.55 12.73
CA TYR A 733 18.85 27.39 14.08
C TYR A 733 19.23 28.75 14.69
N ASP A 734 19.79 29.64 13.88
CA ASP A 734 20.20 30.97 14.33
C ASP A 734 19.03 31.89 14.64
N ARG A 735 17.92 31.77 13.91
CA ARG A 735 16.84 32.75 14.00
C ARG A 735 15.62 32.28 14.81
N ILE A 736 15.59 31.01 15.19
CA ILE A 736 14.46 30.48 15.97
C ILE A 736 14.98 29.91 17.28
N PRO A 737 14.80 30.66 18.39
CA PRO A 737 15.27 30.22 19.71
C PRO A 737 14.67 28.90 20.16
N GLU A 738 13.37 28.71 19.93
CA GLU A 738 12.69 27.46 20.32
C GLU A 738 13.34 26.26 19.63
N LEU A 739 13.63 26.40 18.34
CA LEU A 739 14.35 25.37 17.58
C LEU A 739 15.75 25.14 18.11
N ARG A 740 16.45 26.22 18.45
CA ARG A 740 17.81 26.14 18.99
C ARG A 740 17.82 25.35 20.29
N GLN A 741 16.86 25.64 21.17
CA GLN A 741 16.73 24.92 22.43
C GLN A 741 16.57 23.41 22.21
N ILE A 742 15.74 23.03 21.25
CA ILE A 742 15.51 21.61 20.97
C ILE A 742 16.78 20.91 20.52
N ILE A 743 17.55 21.56 19.66
CA ILE A 743 18.79 20.97 19.14
C ILE A 743 19.78 20.79 20.27
N GLU A 744 19.88 21.81 21.12
CA GLU A 744 20.78 21.75 22.27
C GLU A 744 20.36 20.65 23.24
N GLN A 745 19.05 20.47 23.43
CA GLN A 745 18.56 19.35 24.25
C GLN A 745 18.97 18.00 23.64
N LEU A 746 18.84 17.88 22.32
CA LEU A 746 19.22 16.66 21.61
C LEU A 746 20.72 16.36 21.75
N SER A 747 21.55 17.35 21.46
CA SER A 747 23.01 17.18 21.49
C SER A 747 23.51 16.87 22.89
N SER A 748 23.00 17.62 23.86
CA SER A 748 23.51 17.57 25.23
C SER A 748 23.16 16.30 25.99
N GLY A 749 22.17 15.55 25.52
CA GLY A 749 21.80 14.29 26.18
C GLY A 749 20.57 14.38 27.09
N PHE A 750 19.76 15.41 26.91
CA PHE A 750 18.52 15.56 27.66
C PHE A 750 17.59 14.34 27.53
N PHE A 751 17.47 13.81 26.31
CA PHE A 751 16.64 12.63 26.05
C PHE A 751 17.41 11.32 26.06
N SER A 752 18.68 11.36 26.46
CA SER A 752 19.52 10.15 26.51
C SER A 752 20.59 10.31 27.61
N PRO A 753 20.16 10.43 28.89
CA PRO A 753 21.06 10.74 30.00
C PRO A 753 22.29 9.83 30.08
N LYS A 754 22.07 8.53 29.96
CA LYS A 754 23.16 7.56 30.07
C LYS A 754 24.02 7.45 28.82
N GLN A 755 23.53 8.00 27.70
CA GLN A 755 24.26 8.03 26.44
C GLN A 755 24.15 9.42 25.82
N PRO A 756 24.83 10.42 26.39
CA PRO A 756 24.67 11.82 25.99
C PRO A 756 24.71 12.08 24.48
N ASP A 757 25.56 11.36 23.76
CA ASP A 757 25.76 11.58 22.33
C ASP A 757 24.91 10.68 21.42
N LEU A 758 23.92 9.98 21.99
CA LEU A 758 23.14 9.00 21.25
C LEU A 758 22.51 9.54 19.96
N PHE A 759 22.08 10.80 19.95
CA PHE A 759 21.38 11.37 18.81
C PHE A 759 22.23 12.33 17.98
N LYS A 760 23.56 12.20 18.10
CA LYS A 760 24.50 13.02 17.33
C LYS A 760 24.27 12.91 15.81
N ASP A 761 23.99 11.69 15.34
CA ASP A 761 23.75 11.46 13.92
C ASP A 761 22.53 12.23 13.44
N ILE A 762 21.49 12.25 14.26
CA ILE A 762 20.26 12.98 13.93
C ILE A 762 20.56 14.48 13.85
N VAL A 763 21.19 15.01 14.89
CA VAL A 763 21.54 16.43 14.94
C VAL A 763 22.41 16.80 13.76
N ASN A 764 23.42 15.97 13.48
CA ASN A 764 24.34 16.24 12.39
C ASN A 764 23.61 16.24 11.05
N MET A 765 22.73 15.27 10.85
CA MET A 765 21.95 15.21 9.63
C MET A 765 21.08 16.46 9.48
N LEU A 766 20.37 16.83 10.54
CA LEU A 766 19.48 18.01 10.48
C LEU A 766 20.24 19.31 10.19
N MET A 767 21.43 19.44 10.77
CA MET A 767 22.25 20.65 10.61
C MET A 767 22.99 20.72 9.28
N HIS A 768 23.43 19.59 8.73
CA HIS A 768 24.34 19.61 7.57
C HIS A 768 23.92 18.85 6.32
N HIS A 769 23.13 17.80 6.42
CA HIS A 769 22.75 17.06 5.21
C HIS A 769 21.29 16.58 5.22
N ASP A 770 20.39 17.51 5.50
CA ASP A 770 18.96 17.21 5.52
C ASP A 770 18.39 17.44 4.12
N ARG A 771 18.19 16.36 3.38
CA ARG A 771 17.61 16.44 2.05
C ARG A 771 16.15 16.87 2.08
N PHE A 772 15.50 16.80 3.24
CA PHE A 772 14.05 17.02 3.29
C PHE A 772 13.59 18.26 4.08
N LYS A 773 14.57 19.10 4.44
CA LYS A 773 14.32 20.46 4.89
C LYS A 773 13.34 20.52 6.07
N VAL A 774 13.62 19.73 7.09
CA VAL A 774 12.81 19.70 8.29
C VAL A 774 12.71 21.11 8.90
N PHE A 775 13.85 21.78 9.06
CA PHE A 775 13.84 23.11 9.69
C PHE A 775 13.04 24.11 8.87
N ALA A 776 13.09 24.00 7.55
CA ALA A 776 12.42 24.97 6.69
C ALA A 776 10.90 25.05 6.92
N ASP A 777 10.29 23.98 7.39
CA ASP A 777 8.85 23.98 7.62
C ASP A 777 8.47 24.07 9.11
N TYR A 778 9.45 24.20 9.98
CA TYR A 778 9.21 24.10 11.42
C TYR A 778 8.26 25.18 11.94
N GLU A 779 8.59 26.44 11.68
CA GLU A 779 7.78 27.58 12.16
C GLU A 779 6.33 27.51 11.73
N GLU A 780 6.10 27.40 10.43
CA GLU A 780 4.74 27.28 9.90
C GLU A 780 4.00 26.05 10.44
N TYR A 781 4.72 24.96 10.67
CA TYR A 781 4.12 23.75 11.21
C TYR A 781 3.61 23.99 12.63
N VAL A 782 4.48 24.53 13.47
CA VAL A 782 4.15 24.84 14.86
C VAL A 782 2.95 25.81 14.93
N LYS A 783 2.96 26.86 14.12
CA LYS A 783 1.85 27.81 14.11
C LYS A 783 0.57 27.16 13.64
N CYS A 784 0.67 26.33 12.61
CA CYS A 784 -0.50 25.60 12.11
C CYS A 784 -1.05 24.64 13.19
N GLN A 785 -0.17 24.02 13.95
CA GLN A 785 -0.56 23.16 15.08
C GLN A 785 -1.31 23.92 16.18
N GLU A 786 -0.95 25.19 16.38
CA GLU A 786 -1.69 26.05 17.32
C GLU A 786 -3.11 26.30 16.83
N ARG A 787 -3.30 26.48 15.53
CA ARG A 787 -4.64 26.64 14.98
C ARG A 787 -5.48 25.35 15.12
N VAL A 788 -4.83 24.20 15.05
CA VAL A 788 -5.51 22.93 15.30
C VAL A 788 -6.05 22.90 16.73
N SER A 789 -5.18 23.17 17.69
CA SER A 789 -5.55 23.22 19.10
C SER A 789 -6.70 24.19 19.36
N ALA A 790 -6.62 25.37 18.75
CA ALA A 790 -7.67 26.38 18.88
C ALA A 790 -9.02 25.82 18.46
N LEU A 791 -9.07 25.16 17.30
CA LEU A 791 -10.34 24.64 16.81
C LEU A 791 -10.86 23.49 17.67
N TYR A 792 -9.95 22.68 18.21
CA TYR A 792 -10.35 21.55 19.02
C TYR A 792 -11.04 21.98 20.32
N LYS A 793 -10.71 23.17 20.81
CA LYS A 793 -11.40 23.79 21.96
C LYS A 793 -12.87 24.11 21.70
N ASN A 794 -13.27 24.17 20.43
CA ASN A 794 -14.66 24.35 20.03
C ASN A 794 -15.20 23.07 19.36
N PRO A 795 -15.63 22.08 20.17
CA PRO A 795 -16.11 20.79 19.67
C PRO A 795 -17.07 20.86 18.50
N ARG A 796 -18.03 21.79 18.56
CA ARG A 796 -19.07 21.87 17.54
C ARG A 796 -18.50 22.25 16.18
N GLU A 797 -17.58 23.22 16.16
CA GLU A 797 -16.97 23.68 14.92
C GLU A 797 -15.91 22.70 14.39
N TRP A 798 -15.24 21.99 15.29
CA TRP A 798 -14.36 20.89 14.89
C TRP A 798 -15.17 19.86 14.10
N THR A 799 -16.25 19.40 14.72
CA THR A 799 -17.10 18.37 14.14
C THR A 799 -17.73 18.80 12.82
N ARG A 800 -18.07 20.08 12.70
CA ARG A 800 -18.64 20.57 11.45
C ARG A 800 -17.60 20.57 10.34
N MET A 801 -16.37 20.91 10.68
CA MET A 801 -15.28 20.83 9.70
C MET A 801 -15.05 19.35 9.32
N VAL A 802 -15.11 18.46 10.30
CA VAL A 802 -15.02 17.02 10.04
C VAL A 802 -16.08 16.58 9.03
N ILE A 803 -17.32 17.00 9.27
CA ILE A 803 -18.40 16.63 8.37
C ILE A 803 -18.10 17.10 6.96
N ARG A 804 -17.55 18.29 6.83
CA ARG A 804 -17.19 18.79 5.50
C ARG A 804 -16.08 17.95 4.85
N ASN A 805 -15.20 17.36 5.65
CA ASN A 805 -14.18 16.44 5.11
C ASN A 805 -14.77 15.10 4.63
N ILE A 806 -15.47 14.43 5.53
CA ILE A 806 -16.11 13.16 5.21
C ILE A 806 -16.97 13.29 3.95
N ALA A 807 -17.76 14.36 3.92
CA ALA A 807 -18.71 14.61 2.84
C ALA A 807 -18.07 14.83 1.47
N THR A 808 -16.81 15.25 1.46
CA THR A 808 -16.09 15.50 0.19
C THR A 808 -15.01 14.45 -0.09
N SER A 809 -15.04 13.34 0.63
CA SER A 809 -14.01 12.31 0.49
C SER A 809 -14.31 11.33 -0.66
N GLY A 810 -15.47 11.48 -1.31
CA GLY A 810 -15.91 10.57 -2.37
C GLY A 810 -14.93 10.32 -3.50
N LYS A 811 -14.20 11.36 -3.90
CA LYS A 811 -13.24 11.23 -5.00
C LYS A 811 -12.17 10.14 -4.73
N PHE A 812 -11.90 9.87 -3.46
CA PHE A 812 -10.79 9.04 -3.05
C PHE A 812 -11.13 7.59 -2.83
N SER A 813 -12.27 7.19 -3.38
CA SER A 813 -12.65 5.80 -3.52
C SER A 813 -11.84 5.18 -4.64
N SER A 814 -11.30 3.99 -4.38
CA SER A 814 -10.64 3.23 -5.43
C SER A 814 -11.59 2.80 -6.55
N ASP A 815 -12.90 2.82 -6.30
CA ASP A 815 -13.84 2.56 -7.41
C ASP A 815 -13.71 3.62 -8.49
N ARG A 816 -13.55 4.88 -8.07
CA ARG A 816 -13.35 5.96 -9.02
C ARG A 816 -12.02 5.76 -9.76
N THR A 817 -10.95 5.54 -8.99
CA THR A 817 -9.63 5.27 -9.58
C THR A 817 -9.69 4.16 -10.61
N ILE A 818 -10.22 3.00 -10.23
CA ILE A 818 -10.28 1.86 -11.13
C ILE A 818 -11.17 2.11 -12.36
N ALA A 819 -12.30 2.77 -12.18
CA ALA A 819 -13.13 3.16 -13.33
C ALA A 819 -12.31 4.00 -14.31
N GLN A 820 -11.44 4.86 -13.78
CA GLN A 820 -10.59 5.67 -14.66
C GLN A 820 -9.54 4.82 -15.39
N TYR A 821 -8.87 3.92 -14.67
CA TYR A 821 -7.96 2.96 -15.33
C TYR A 821 -8.68 2.18 -16.43
N ALA A 822 -9.88 1.69 -16.10
CA ALA A 822 -10.64 0.86 -17.03
C ALA A 822 -10.95 1.58 -18.33
N ARG A 823 -11.43 2.82 -18.23
CA ARG A 823 -11.89 3.56 -19.41
C ARG A 823 -10.73 4.17 -20.19
N GLU A 824 -9.75 4.69 -19.47
CA GLU A 824 -8.70 5.51 -20.08
C GLU A 824 -7.43 4.74 -20.39
N ILE A 825 -7.24 3.57 -19.78
CA ILE A 825 -6.04 2.75 -20.04
C ILE A 825 -6.37 1.37 -20.59
N TRP A 826 -7.25 0.63 -19.92
CA TRP A 826 -7.49 -0.77 -20.29
C TRP A 826 -8.51 -0.93 -21.42
N GLY A 827 -9.37 0.06 -21.60
CA GLY A 827 -10.36 0.02 -22.68
C GLY A 827 -11.49 -0.93 -22.37
N VAL A 828 -11.97 -0.90 -21.13
CA VAL A 828 -13.07 -1.75 -20.71
C VAL A 828 -14.02 -0.94 -19.85
N GLU A 829 -15.29 -1.32 -19.89
CA GLU A 829 -16.32 -0.59 -19.17
C GLU A 829 -16.62 -1.29 -17.86
N PRO A 830 -16.52 -0.55 -16.74
CA PRO A 830 -16.96 -1.14 -15.48
C PRO A 830 -18.47 -1.39 -15.48
N SER A 831 -18.95 -2.13 -14.49
CA SER A 831 -20.36 -2.50 -14.40
C SER A 831 -20.71 -2.83 -12.96
N ARG A 832 -21.85 -2.33 -12.50
CA ARG A 832 -22.35 -2.68 -11.16
C ARG A 832 -23.45 -3.76 -11.21
N GLN A 833 -23.72 -4.29 -12.41
CA GLN A 833 -24.69 -5.38 -12.56
C GLN A 833 -24.21 -6.64 -11.85
N ARG A 834 -25.14 -7.28 -11.16
CA ARG A 834 -24.85 -8.46 -10.34
C ARG A 834 -24.92 -9.72 -11.19
N LEU A 835 -24.11 -10.71 -10.83
CA LEU A 835 -24.25 -12.05 -11.39
C LEU A 835 -25.25 -12.81 -10.54
N PRO A 836 -25.89 -13.85 -11.12
CA PRO A 836 -26.80 -14.68 -10.32
C PRO A 836 -26.06 -15.47 -9.23
N ALA A 837 -26.64 -15.48 -8.03
CA ALA A 837 -26.00 -16.07 -6.84
C ALA A 837 -25.86 -17.58 -6.96
S1 DTT B . 13.13 8.07 -10.05
C1 DTT B . 12.30 6.65 -9.29
C2 DTT B . 11.83 5.69 -10.38
O2 DTT B . 10.98 6.39 -11.29
C3 DTT B . 11.18 4.41 -9.83
O3 DTT B . 10.93 4.49 -8.41
C4 DTT B . 9.88 4.02 -10.52
S4 DTT B . 9.39 2.31 -10.29
S DMS C . 16.47 -4.26 -3.82
O DMS C . 17.52 -4.86 -4.69
C1 DMS C . 15.87 -5.50 -2.80
C2 DMS C . 15.15 -3.83 -4.78
C11 M8P D . 8.98 -0.43 -2.83
C12 M8P D . 10.04 -1.33 -2.84
C13 M8P D . 9.94 -2.51 -2.12
C14 M8P D . 11.00 -3.43 -2.10
C15 M8P D . 12.15 -3.16 -2.85
C16 M8P D . 12.26 -1.99 -3.59
C17 M8P D . 11.20 -1.07 -3.58
C18 M8P D . 11.29 0.11 -4.32
C19 M8P D . 10.24 1.01 -4.31
C10 M8P D . 9.08 0.76 -3.57
C9 M8P D . 8.03 1.71 -3.61
O8 M8P D . 7.87 2.40 -4.62
N2 M8P D . 7.25 1.83 -2.52
C8 M8P D . 6.22 2.67 -2.51
S1 M8P D . 5.76 3.77 -3.74
N1 M8P D . 5.42 2.77 -1.45
C7 M8P D . 4.42 3.66 -1.56
O7 M8P D . 3.65 3.79 -0.62
C1 M8P D . 4.34 4.38 -2.79
O5 M8P D . 3.15 4.02 -3.56
C5 M8P D . 1.88 4.46 -3.04
C6 M8P D . 0.79 3.94 -3.97
O6 M8P D . 0.82 4.69 -5.18
C4 M8P D . 1.88 6.00 -2.89
O4 M8P D . 0.69 6.45 -2.28
C3 M8P D . 3.04 6.44 -2.00
O3 M8P D . 3.07 7.87 -2.00
C2 M8P D . 4.40 5.90 -2.55
O2 M8P D . 5.49 6.21 -1.66
N1 PLP E . 0.81 0.94 5.77
C2 PLP E . -0.39 0.41 6.08
C2A PLP E . -0.46 -0.78 7.00
C3 PLP E . -1.62 1.00 5.52
O3 PLP E . -2.84 0.49 5.81
C4 PLP E . -1.46 2.17 4.62
C4A PLP E . -2.62 2.88 3.97
C5 PLP E . -0.08 2.64 4.36
C6 PLP E . 0.98 1.98 4.97
C5A PLP E . 0.21 3.83 3.47
O4P PLP E . 0.17 4.98 4.34
P PLP E . 0.83 6.39 3.92
O1P PLP E . 0.50 7.25 5.11
O2P PLP E . 2.28 6.07 3.79
O3P PLP E . 0.11 6.81 2.67
#